data_6GYE
#
_entry.id   6GYE
#
_cell.length_a   165.140
_cell.length_b   165.140
_cell.length_c   196.550
_cell.angle_alpha   90.00
_cell.angle_beta   90.00
_cell.angle_gamma   120.00
#
_symmetry.space_group_name_H-M   'P 64 2 2'
#
loop_
_entity.id
_entity.type
_entity.pdbx_description
1 polymer 'Nicotinamide-nucleotide adenylyltransferase NadR family / Ribosylnicotinamide kinase'
2 non-polymer 'SULFATE ION'
3 non-polymer 'Nicotinamide riboside'
4 water water
#
_entity_poly.entity_id   1
_entity_poly.type   'polypeptide(L)'
_entity_poly.pdbx_seq_one_letter_code
;MLTNNISKSKLSGKNIGIYFGTFAPLHTGHQQQIYKCASLNDGVLLVVSGYDNDRGAQIGLPLEKRFRYLREAFNDEENI
KVSMLNENDLPEMPNGWDEWANRLFELIHHNTLENDLSVTFYVGELEYAAELKKRFPADGNQYAVEIADRHDISLSATQI
RENPQEHWTHINRVFRRHFSKVVTVMGSASTGKTTLVRRLARSINAPFSEEYAREYEEAFNIDDDELKMDDYARMITGQY
DANSREVNSPANQGIVFLDTDAIVTRVYAKLYLPKEDFEQLEPLFRKTIADERMDLILVIPPITEYIDDGFRHMEWEESR
HEFHEELMRQLAEFGLLDKVVILDDEGDHRDQEGYLTRYHHAIDAVHEYTGVKIERLSY
;
_entity_poly.pdbx_strand_id   A,B
#
# COMPACT_ATOMS: atom_id res chain seq x y z
N LYS A 8 21.19 -8.62 27.97
CA LYS A 8 22.03 -7.60 27.35
C LYS A 8 21.23 -6.80 26.30
N SER A 9 19.92 -6.72 26.50
CA SER A 9 19.01 -5.93 25.68
C SER A 9 18.96 -4.45 26.09
N LYS A 10 20.09 -3.90 26.49
CA LYS A 10 20.23 -2.51 26.88
C LYS A 10 20.88 -1.71 25.76
N LEU A 11 20.69 -0.39 25.82
CA LEU A 11 21.27 0.51 24.84
C LEU A 11 22.75 0.69 25.11
N SER A 12 23.57 0.51 24.06
CA SER A 12 25.00 0.75 24.16
C SER A 12 25.35 2.17 23.72
N GLY A 13 26.56 2.59 24.04
CA GLY A 13 27.06 3.89 23.61
C GLY A 13 27.05 4.92 24.73
N LYS A 14 27.74 6.03 24.48
CA LYS A 14 27.83 7.14 25.44
C LYS A 14 26.82 8.26 25.18
N ASN A 15 26.56 8.64 23.93
CA ASN A 15 25.63 9.72 23.62
C ASN A 15 24.25 9.13 23.39
N ILE A 16 23.34 9.36 24.33
CA ILE A 16 22.01 8.74 24.32
C ILE A 16 20.96 9.85 24.20
N GLY A 17 20.02 9.67 23.28
CA GLY A 17 18.89 10.57 23.13
C GLY A 17 17.63 9.94 23.68
N ILE A 18 16.81 10.75 24.34
CA ILE A 18 15.56 10.30 24.94
C ILE A 18 14.44 11.01 24.20
N TYR A 19 13.57 10.23 23.57
CA TYR A 19 12.49 10.78 22.75
C TYR A 19 11.17 10.31 23.33
N PHE A 20 10.28 11.27 23.60
CA PHE A 20 9.01 11.03 24.27
C PHE A 20 7.85 11.05 23.29
N GLY A 21 6.80 10.32 23.65
CA GLY A 21 5.53 10.45 22.95
C GLY A 21 4.47 9.59 23.61
N THR A 22 3.21 9.88 23.26
CA THR A 22 2.12 8.95 23.57
C THR A 22 1.90 7.93 22.46
N PHE A 23 2.09 8.32 21.19
CA PHE A 23 2.09 7.41 20.04
C PHE A 23 0.74 6.71 19.84
N ALA A 24 -0.30 7.52 19.70
CA ALA A 24 -1.67 7.05 19.51
C ALA A 24 -2.28 7.74 18.29
N PRO A 25 -1.79 7.45 17.08
CA PRO A 25 -0.76 6.47 16.71
C PRO A 25 0.62 7.03 16.45
N LEU A 26 1.61 6.14 16.36
CA LEU A 26 2.88 6.47 15.73
C LEU A 26 2.65 6.83 14.27
N HIS A 27 3.28 7.91 13.80
CA HIS A 27 3.16 8.29 12.39
C HIS A 27 4.50 8.80 11.88
N THR A 28 4.53 9.15 10.58
CA THR A 28 5.82 9.45 9.95
C THR A 28 6.46 10.71 10.50
N GLY A 29 5.67 11.64 11.06
CA GLY A 29 6.26 12.79 11.73
C GLY A 29 7.16 12.37 12.90
N HIS A 30 6.65 11.49 13.76
CA HIS A 30 7.50 10.87 14.79
C HIS A 30 8.72 10.24 14.17
N GLN A 31 8.51 9.44 13.12
CA GLN A 31 9.57 8.58 12.62
C GLN A 31 10.70 9.40 12.03
N GLN A 32 10.37 10.49 11.34
CA GLN A 32 11.42 11.34 10.79
C GLN A 32 12.24 11.97 11.91
N GLN A 33 11.59 12.36 13.00
CA GLN A 33 12.35 12.93 14.11
C GLN A 33 13.21 11.89 14.78
N ILE A 34 12.68 10.67 14.95
CA ILE A 34 13.41 9.63 15.65
C ILE A 34 14.67 9.24 14.88
N TYR A 35 14.55 9.09 13.55
CA TYR A 35 15.73 8.72 12.78
C TYR A 35 16.77 9.85 12.73
N LYS A 36 16.34 11.13 12.78
CA LYS A 36 17.32 12.20 12.92
C LYS A 36 18.01 12.12 14.26
N CYS A 37 17.23 11.87 15.31
N CYS A 37 17.24 11.91 15.33
CA CYS A 37 17.78 11.71 16.65
CA CYS A 37 17.84 11.71 16.65
C CYS A 37 18.74 10.53 16.71
C CYS A 37 18.81 10.55 16.64
N ALA A 38 18.42 9.43 16.02
CA ALA A 38 19.30 8.27 16.02
C ALA A 38 20.55 8.50 15.20
N SER A 39 20.51 9.44 14.25
CA SER A 39 21.71 9.76 13.51
C SER A 39 22.65 10.70 14.27
N LEU A 40 22.16 11.37 15.31
CA LEU A 40 22.96 12.32 16.08
C LEU A 40 23.46 11.73 17.39
N ASN A 41 23.03 10.54 17.76
CA ASN A 41 23.41 9.93 19.02
C ASN A 41 23.90 8.52 18.76
N ASP A 42 24.58 7.96 19.76
CA ASP A 42 24.96 6.57 19.68
C ASP A 42 23.76 5.65 19.81
N GLY A 43 22.76 6.05 20.60
CA GLY A 43 21.53 5.29 20.74
C GLY A 43 20.41 6.18 21.22
N VAL A 44 19.18 5.70 21.00
CA VAL A 44 17.97 6.44 21.34
C VAL A 44 17.07 5.56 22.19
N LEU A 45 16.57 6.11 23.28
CA LEU A 45 15.54 5.48 24.09
C LEU A 45 14.20 6.17 23.79
N LEU A 46 13.24 5.43 23.23
CA LEU A 46 11.90 5.94 23.02
C LEU A 46 11.08 5.72 24.28
N VAL A 47 10.47 6.78 24.80
CA VAL A 47 9.66 6.66 26.00
C VAL A 47 8.20 6.81 25.62
N VAL A 48 7.44 5.73 25.78
CA VAL A 48 5.98 5.75 25.60
C VAL A 48 5.37 6.04 26.96
N SER A 49 4.71 7.18 27.08
CA SER A 49 4.07 7.51 28.35
C SER A 49 2.56 7.31 28.25
N GLY A 50 1.94 7.05 29.40
CA GLY A 50 0.51 6.81 29.42
C GLY A 50 0.02 6.55 30.83
N TYR A 51 -1.30 6.48 30.95
CA TYR A 51 -1.96 6.19 32.22
C TYR A 51 -3.35 5.64 31.90
N ASP A 52 -3.95 4.96 32.88
CA ASP A 52 -5.28 4.39 32.67
C ASP A 52 -6.26 5.45 32.17
N ASN A 53 -7.01 5.10 31.13
CA ASN A 53 -8.08 5.95 30.58
C ASN A 53 -7.55 7.27 30.01
N ASP A 54 -6.32 7.28 29.51
CA ASP A 54 -5.77 8.45 28.83
C ASP A 54 -6.35 8.57 27.41
N ARG A 55 -5.85 9.54 26.66
CA ARG A 55 -6.33 9.80 25.30
C ARG A 55 -6.25 8.55 24.43
N GLY A 56 -5.10 7.87 24.44
CA GLY A 56 -4.96 6.67 23.64
C GLY A 56 -5.86 5.55 24.11
N ALA A 57 -5.94 5.33 25.42
CA ALA A 57 -6.84 4.30 25.94
C ALA A 57 -8.27 4.53 25.47
N GLN A 58 -8.70 5.79 25.39
CA GLN A 58 -10.09 6.09 25.08
C GLN A 58 -10.46 5.73 23.65
N ILE A 59 -9.52 5.67 22.73
CA ILE A 59 -9.81 5.23 21.38
C ILE A 59 -9.35 3.79 21.16
N GLY A 60 -9.15 3.04 22.25
CA GLY A 60 -8.79 1.64 22.12
C GLY A 60 -7.33 1.36 21.91
N LEU A 61 -6.46 2.28 22.29
CA LEU A 61 -5.01 2.09 22.22
C LEU A 61 -4.38 2.38 23.58
N PRO A 62 -4.63 1.54 24.58
CA PRO A 62 -4.05 1.78 25.90
C PRO A 62 -2.53 1.63 25.86
N LEU A 63 -1.90 2.08 26.95
CA LEU A 63 -0.44 2.17 27.02
C LEU A 63 0.25 0.84 26.70
N GLU A 64 -0.25 -0.27 27.27
CA GLU A 64 0.37 -1.56 27.02
C GLU A 64 0.38 -1.89 25.52
N LYS A 65 -0.71 -1.58 24.81
CA LYS A 65 -0.78 -1.91 23.40
C LYS A 65 0.12 -1.01 22.57
N ARG A 66 0.14 0.30 22.86
CA ARG A 66 1.05 1.20 22.15
C ARG A 66 2.50 0.80 22.37
N PHE A 67 2.84 0.41 23.59
CA PHE A 67 4.19 -0.06 23.85
C PHE A 67 4.52 -1.27 22.98
N ARG A 68 3.63 -2.27 22.95
CA ARG A 68 3.90 -3.47 22.12
C ARG A 68 3.99 -3.10 20.65
N TYR A 69 3.09 -2.23 20.17
CA TYR A 69 3.12 -1.82 18.78
C TYR A 69 4.44 -1.13 18.43
N LEU A 70 4.93 -0.26 19.33
CA LEU A 70 6.20 0.42 19.09
C LEU A 70 7.36 -0.58 19.05
N ARG A 71 7.36 -1.55 19.96
CA ARG A 71 8.42 -2.56 19.94
C ARG A 71 8.46 -3.26 18.59
N GLU A 72 7.29 -3.59 18.06
CA GLU A 72 7.24 -4.24 16.76
C GLU A 72 7.70 -3.26 15.67
N ALA A 73 7.26 -2.00 15.78
CA ALA A 73 7.58 -1.02 14.75
C ALA A 73 9.08 -0.80 14.63
N PHE A 74 9.80 -0.88 15.75
CA PHE A 74 11.25 -0.71 15.75
C PHE A 74 11.97 -2.04 16.04
N ASN A 75 11.46 -3.15 15.49
CA ASN A 75 12.02 -4.47 15.80
C ASN A 75 13.32 -4.78 15.04
N ASP A 76 13.77 -3.89 14.17
CA ASP A 76 14.93 -4.13 13.33
C ASP A 76 15.88 -2.96 13.40
N GLU A 77 16.10 -2.43 14.61
CA GLU A 77 16.97 -1.27 14.83
C GLU A 77 18.08 -1.62 15.80
N GLU A 78 19.31 -1.29 15.41
CA GLU A 78 20.46 -1.46 16.29
C GLU A 78 20.30 -0.65 17.57
N ASN A 79 20.36 0.67 17.44
CA ASN A 79 20.55 1.58 18.55
C ASN A 79 19.25 2.21 19.05
N ILE A 80 18.09 1.58 18.84
CA ILE A 80 16.83 2.16 19.28
C ILE A 80 16.12 1.17 20.19
N LYS A 81 15.88 1.58 21.44
N LYS A 81 15.87 1.59 21.43
CA LYS A 81 15.17 0.81 22.44
CA LYS A 81 15.17 0.81 22.44
C LYS A 81 13.86 1.51 22.76
C LYS A 81 13.87 1.51 22.80
N VAL A 82 12.83 0.71 23.05
CA VAL A 82 11.49 1.21 23.38
C VAL A 82 11.18 0.84 24.82
N SER A 83 10.75 1.82 25.61
N SER A 83 10.74 1.82 25.60
CA SER A 83 10.46 1.62 27.02
CA SER A 83 10.47 1.64 27.02
C SER A 83 9.18 2.35 27.39
C SER A 83 9.19 2.35 27.40
N MET A 84 8.61 1.94 28.53
CA MET A 84 7.30 2.37 28.96
C MET A 84 7.44 3.24 30.21
N LEU A 85 6.82 4.42 30.20
CA LEU A 85 6.72 5.29 31.38
C LEU A 85 5.26 5.30 31.83
N ASN A 86 4.97 4.51 32.86
CA ASN A 86 3.62 4.40 33.43
C ASN A 86 3.38 5.57 34.39
N GLU A 87 2.37 6.38 34.10
CA GLU A 87 2.12 7.58 34.89
C GLU A 87 0.97 7.43 35.88
N ASN A 88 0.47 6.22 36.10
CA ASN A 88 -0.60 6.00 37.07
C ASN A 88 -0.12 6.32 38.48
N ASP A 89 -1.09 6.59 39.37
CA ASP A 89 -0.83 6.78 40.80
C ASP A 89 0.20 7.88 41.05
N LEU A 90 0.00 9.00 40.40
CA LEU A 90 0.91 10.11 40.64
C LEU A 90 0.19 11.20 41.42
N PRO A 91 0.84 11.79 42.42
CA PRO A 91 0.28 13.03 42.99
C PRO A 91 0.11 14.03 41.87
N GLU A 92 -1.07 14.64 41.79
CA GLU A 92 -1.36 15.54 40.67
C GLU A 92 -0.44 16.75 40.67
N MET A 93 -0.28 17.41 41.82
CA MET A 93 0.46 18.65 41.98
C MET A 93 1.95 18.39 42.21
N PRO A 94 2.82 19.46 41.99
CA PRO A 94 4.27 19.38 42.26
C PRO A 94 4.92 18.07 42.72
N ASN A 95 4.40 17.41 43.75
CA ASN A 95 5.09 16.19 44.19
C ASN A 95 4.95 15.05 43.19
N GLY A 96 4.08 15.20 42.18
CA GLY A 96 4.14 14.23 41.12
C GLY A 96 5.35 14.42 40.24
N TRP A 97 5.92 15.63 40.21
CA TRP A 97 7.07 15.89 39.35
C TRP A 97 8.30 15.14 39.86
N ASP A 98 8.48 15.09 41.18
CA ASP A 98 9.61 14.35 41.74
C ASP A 98 9.48 12.87 41.41
N GLU A 99 8.34 12.27 41.78
CA GLU A 99 8.10 10.88 41.49
C GLU A 99 8.14 10.60 39.98
N TRP A 100 7.58 11.49 39.17
CA TRP A 100 7.64 11.31 37.73
C TRP A 100 9.08 11.20 37.26
N ALA A 101 9.93 12.14 37.69
CA ALA A 101 11.33 12.11 37.28
C ALA A 101 12.04 10.86 37.81
N ASN A 102 11.71 10.44 39.03
CA ASN A 102 12.31 9.22 39.58
C ASN A 102 12.09 8.05 38.63
N ARG A 103 10.84 7.85 38.21
CA ARG A 103 10.54 6.78 37.27
C ARG A 103 11.32 6.98 35.97
N LEU A 104 11.41 8.23 35.52
CA LEU A 104 12.09 8.50 34.25
C LEU A 104 13.56 8.11 34.33
N PHE A 105 14.25 8.56 35.37
CA PHE A 105 15.68 8.25 35.47
C PHE A 105 15.91 6.78 35.78
N GLU A 106 14.99 6.15 36.49
CA GLU A 106 15.08 4.70 36.65
C GLU A 106 15.02 4.01 35.30
N LEU A 107 14.13 4.47 34.41
CA LEU A 107 14.06 3.92 33.06
C LEU A 107 15.38 4.04 32.33
N ILE A 108 16.00 5.21 32.41
CA ILE A 108 17.29 5.43 31.76
C ILE A 108 18.34 4.49 32.33
N HIS A 109 18.39 4.38 33.66
CA HIS A 109 19.37 3.52 34.29
C HIS A 109 19.19 2.07 33.85
N HIS A 110 17.96 1.58 33.87
CA HIS A 110 17.70 0.17 33.58
C HIS A 110 18.04 -0.18 32.14
N ASN A 111 17.78 0.73 31.20
CA ASN A 111 17.86 0.43 29.78
C ASN A 111 19.16 0.90 29.14
N THR A 112 20.17 1.24 29.94
CA THR A 112 21.44 1.67 29.39
C THR A 112 22.55 0.74 29.83
N LEU A 113 23.50 0.50 28.91
CA LEU A 113 24.61 -0.39 29.17
C LEU A 113 25.67 0.29 30.01
N GLU A 114 26.13 1.45 29.57
CA GLU A 114 27.35 2.07 30.08
C GLU A 114 27.05 3.14 31.12
N ASN A 115 28.14 3.66 31.70
CA ASN A 115 28.14 4.76 32.65
C ASN A 115 28.81 5.96 32.00
N ASP A 116 28.80 7.09 32.72
CA ASP A 116 29.34 8.36 32.20
C ASP A 116 28.71 8.73 30.87
N LEU A 117 27.38 8.74 30.85
CA LEU A 117 26.66 9.05 29.62
C LEU A 117 26.54 10.55 29.44
N SER A 118 26.32 10.94 28.19
CA SER A 118 25.87 12.28 27.82
C SER A 118 24.46 12.10 27.26
N VAL A 119 23.46 12.50 28.05
CA VAL A 119 22.06 12.26 27.73
C VAL A 119 21.40 13.58 27.35
N THR A 120 20.60 13.54 26.28
CA THR A 120 19.81 14.68 25.81
C THR A 120 18.33 14.30 25.80
N PHE A 121 17.51 15.08 26.51
CA PHE A 121 16.06 14.94 26.47
C PHE A 121 15.47 15.83 25.37
N TYR A 122 14.69 15.24 24.47
CA TYR A 122 13.95 16.01 23.45
C TYR A 122 12.53 16.21 23.96
N VAL A 123 12.20 17.46 24.29
CA VAL A 123 11.01 17.83 25.06
C VAL A 123 10.21 18.86 24.29
N GLY A 124 8.89 18.70 24.27
CA GLY A 124 8.03 19.54 23.46
C GLY A 124 7.18 20.60 24.13
N GLU A 125 7.16 20.62 25.48
CA GLU A 125 6.42 21.61 26.27
C GLU A 125 7.37 22.30 27.23
N LEU A 126 7.23 23.62 27.37
CA LEU A 126 8.18 24.35 28.20
C LEU A 126 8.12 23.91 29.66
N GLU A 127 6.96 23.47 30.13
CA GLU A 127 6.84 23.06 31.52
C GLU A 127 7.68 21.82 31.81
N TYR A 128 7.66 20.85 30.91
CA TYR A 128 8.44 19.64 31.13
C TYR A 128 9.93 19.98 31.18
N ALA A 129 10.39 20.82 30.27
CA ALA A 129 11.80 21.19 30.25
C ALA A 129 12.23 21.77 31.58
N ALA A 130 11.47 22.75 32.09
CA ALA A 130 11.88 23.42 33.33
C ALA A 130 11.87 22.46 34.51
N GLU A 131 10.84 21.61 34.60
CA GLU A 131 10.75 20.67 35.72
C GLU A 131 11.85 19.61 35.65
N LEU A 132 12.19 19.19 34.43
CA LEU A 132 13.25 18.21 34.27
C LEU A 132 14.61 18.81 34.64
N LYS A 133 14.90 20.03 34.18
CA LYS A 133 16.21 20.64 34.43
C LYS A 133 16.51 20.77 35.92
N LYS A 134 15.49 20.94 36.77
CA LYS A 134 15.71 21.03 38.21
C LYS A 134 16.01 19.67 38.87
N ARG A 135 15.81 18.55 38.17
CA ARG A 135 15.82 17.24 38.82
C ARG A 135 16.84 16.29 38.22
N PHE A 136 17.89 16.80 37.58
CA PHE A 136 18.96 15.93 37.13
C PHE A 136 19.64 15.28 38.33
N PRO A 137 19.73 13.95 38.37
CA PRO A 137 20.38 13.29 39.51
C PRO A 137 21.89 13.27 39.37
N ALA A 138 22.54 13.10 40.53
CA ALA A 138 24.00 12.97 40.61
C ALA A 138 24.36 11.50 40.45
N ASP A 139 24.28 11.03 39.21
CA ASP A 139 24.49 9.63 38.90
C ASP A 139 25.71 9.38 38.01
N GLY A 140 26.55 10.40 37.82
CA GLY A 140 27.69 10.28 36.94
C GLY A 140 27.41 10.60 35.48
N ASN A 141 26.16 10.88 35.11
CA ASN A 141 25.81 11.28 33.75
C ASN A 141 25.77 12.80 33.58
N GLN A 142 25.98 13.22 32.34
CA GLN A 142 25.78 14.59 31.91
C GLN A 142 24.43 14.70 31.19
N TYR A 143 23.59 15.62 31.66
CA TYR A 143 22.23 15.78 31.17
C TYR A 143 22.02 17.13 30.53
N ALA A 144 21.27 17.13 29.44
CA ALA A 144 20.83 18.35 28.79
C ALA A 144 19.40 18.13 28.34
N VAL A 145 18.62 19.20 28.34
CA VAL A 145 17.25 19.19 27.86
C VAL A 145 17.21 20.11 26.66
N GLU A 146 16.63 19.63 25.58
CA GLU A 146 16.54 20.34 24.32
C GLU A 146 15.08 20.44 23.91
N ILE A 147 14.63 21.66 23.66
CA ILE A 147 13.24 21.89 23.29
C ILE A 147 13.10 21.63 21.80
N ALA A 148 12.16 20.79 21.44
CA ALA A 148 11.83 20.51 20.05
C ALA A 148 10.40 20.97 19.81
N ASP A 149 10.15 21.50 18.63
CA ASP A 149 8.80 21.93 18.30
C ASP A 149 7.98 20.70 17.92
N ARG A 150 6.92 20.44 18.67
CA ARG A 150 6.09 19.27 18.45
C ARG A 150 4.73 19.63 17.86
N HIS A 151 4.48 20.92 17.61
CA HIS A 151 3.15 21.33 17.17
C HIS A 151 2.67 20.55 15.95
N ASP A 152 3.51 20.44 14.91
N ASP A 152 3.51 20.44 14.90
CA ASP A 152 3.09 19.74 13.70
CA ASP A 152 3.06 19.73 13.70
C ASP A 152 2.86 18.26 13.96
C ASP A 152 2.82 18.25 13.99
N ILE A 153 3.66 17.65 14.84
CA ILE A 153 3.47 16.25 15.14
C ILE A 153 2.16 16.01 15.87
N SER A 154 1.84 16.86 16.85
CA SER A 154 0.59 16.73 17.58
C SER A 154 -0.62 16.95 16.69
N LEU A 155 -0.56 17.98 15.83
CA LEU A 155 -1.66 18.25 14.90
C LEU A 155 -1.86 17.08 13.94
N SER A 156 -0.77 16.49 13.44
CA SER A 156 -0.88 15.33 12.57
C SER A 156 -1.57 14.19 13.31
N ALA A 157 -1.17 13.94 14.56
CA ALA A 157 -1.82 12.89 15.34
C ALA A 157 -3.30 13.18 15.50
N THR A 158 -3.66 14.43 15.78
CA THR A 158 -5.07 14.80 15.92
C THR A 158 -5.83 14.60 14.61
N GLN A 159 -5.23 14.98 13.49
CA GLN A 159 -5.88 14.81 12.19
C GLN A 159 -6.06 13.34 11.85
N ILE A 160 -5.08 12.51 12.19
CA ILE A 160 -5.17 11.09 11.91
C ILE A 160 -6.33 10.46 12.68
N ARG A 161 -6.43 10.80 13.97
CA ARG A 161 -7.50 10.25 14.79
C ARG A 161 -8.87 10.73 14.32
N GLU A 162 -8.96 11.96 13.81
CA GLU A 162 -10.23 12.48 13.29
C GLU A 162 -10.63 11.81 11.97
N ASN A 163 -9.68 11.57 11.09
CA ASN A 163 -9.97 11.04 9.76
C ASN A 163 -8.79 10.23 9.28
N PRO A 164 -8.68 8.97 9.71
CA PRO A 164 -7.52 8.15 9.32
C PRO A 164 -7.44 7.94 7.83
N GLN A 165 -8.59 7.84 7.16
CA GLN A 165 -8.58 7.53 5.74
C GLN A 165 -7.91 8.62 4.92
N GLU A 166 -8.00 9.87 5.37
CA GLU A 166 -7.34 11.00 4.71
C GLU A 166 -5.83 11.05 4.95
N HIS A 167 -5.34 10.40 6.00
CA HIS A 167 -3.93 10.52 6.37
C HIS A 167 -3.26 9.14 6.44
N TRP A 168 -3.86 8.17 5.75
CA TRP A 168 -3.51 6.77 5.90
C TRP A 168 -2.03 6.51 5.69
N THR A 169 -1.44 7.05 4.62
CA THR A 169 -0.07 6.67 4.29
C THR A 169 0.93 7.11 5.37
N HIS A 170 0.57 8.05 6.23
CA HIS A 170 1.47 8.50 7.29
C HIS A 170 1.34 7.70 8.57
N ILE A 171 0.29 6.89 8.71
CA ILE A 171 0.15 6.03 9.87
C ILE A 171 1.15 4.89 9.81
N ASN A 172 1.84 4.63 10.91
CA ASN A 172 2.74 3.48 10.96
C ASN A 172 1.95 2.19 10.75
N ARG A 173 2.51 1.26 9.96
CA ARG A 173 1.75 0.11 9.48
C ARG A 173 1.20 -0.76 10.62
N VAL A 174 1.94 -0.88 11.73
CA VAL A 174 1.46 -1.67 12.86
C VAL A 174 0.16 -1.11 13.42
N PHE A 175 -0.07 0.19 13.26
CA PHE A 175 -1.29 0.79 13.80
C PHE A 175 -2.45 0.76 12.81
N ARG A 176 -2.23 0.31 11.57
CA ARG A 176 -3.24 0.57 10.52
C ARG A 176 -4.50 -0.26 10.71
N ARG A 177 -4.37 -1.49 11.20
CA ARG A 177 -5.54 -2.34 11.38
C ARG A 177 -6.57 -1.67 12.29
N HIS A 178 -6.09 -1.04 13.37
CA HIS A 178 -6.99 -0.40 14.32
C HIS A 178 -7.84 0.67 13.67
N PHE A 179 -7.28 1.42 12.71
CA PHE A 179 -7.98 2.55 12.12
C PHE A 179 -8.72 2.19 10.84
N SER A 180 -8.67 0.93 10.44
CA SER A 180 -9.25 0.53 9.18
C SER A 180 -10.77 0.58 9.23
N LYS A 181 -11.39 1.05 8.15
CA LYS A 181 -12.81 0.87 7.94
C LYS A 181 -13.09 -0.51 7.35
N VAL A 182 -14.19 -1.13 7.78
CA VAL A 182 -14.49 -2.52 7.39
C VAL A 182 -15.94 -2.60 6.94
N VAL A 183 -16.15 -3.06 5.70
CA VAL A 183 -17.48 -3.30 5.13
C VAL A 183 -17.63 -4.80 4.92
N THR A 184 -18.69 -5.38 5.49
CA THR A 184 -18.93 -6.82 5.37
C THR A 184 -20.23 -7.05 4.62
N VAL A 185 -20.19 -7.95 3.64
CA VAL A 185 -21.38 -8.30 2.86
C VAL A 185 -21.92 -9.63 3.34
N MET A 186 -23.23 -9.71 3.49
CA MET A 186 -23.90 -10.89 4.02
C MET A 186 -25.12 -11.23 3.15
N GLY A 187 -25.38 -12.52 2.99
CA GLY A 187 -26.50 -12.95 2.18
C GLY A 187 -26.45 -14.44 1.92
N SER A 188 -27.56 -14.95 1.41
CA SER A 188 -27.65 -16.36 1.03
C SER A 188 -26.69 -16.68 -0.11
N ALA A 189 -26.52 -17.97 -0.36
CA ALA A 189 -25.73 -18.39 -1.52
C ALA A 189 -26.46 -18.08 -2.82
N SER A 190 -25.67 -17.76 -3.85
CA SER A 190 -26.16 -17.51 -5.22
C SER A 190 -27.05 -16.27 -5.30
N THR A 191 -26.72 -15.24 -4.53
CA THR A 191 -27.44 -13.97 -4.64
C THR A 191 -26.56 -12.85 -5.18
N GLY A 192 -25.33 -13.16 -5.61
CA GLY A 192 -24.45 -12.16 -6.17
C GLY A 192 -23.52 -11.47 -5.19
N LYS A 193 -23.32 -12.04 -3.98
CA LYS A 193 -22.39 -11.43 -3.02
C LYS A 193 -21.02 -11.23 -3.64
N THR A 194 -20.50 -12.27 -4.29
CA THR A 194 -19.11 -12.22 -4.73
C THR A 194 -18.93 -11.18 -5.80
N THR A 195 -19.86 -11.12 -6.77
CA THR A 195 -19.79 -10.07 -7.78
C THR A 195 -19.89 -8.69 -7.12
N LEU A 196 -20.77 -8.54 -6.11
CA LEU A 196 -20.92 -7.24 -5.47
C LEU A 196 -19.65 -6.82 -4.74
N VAL A 197 -19.11 -7.72 -3.91
CA VAL A 197 -17.88 -7.46 -3.14
C VAL A 197 -16.76 -6.98 -4.03
N ARG A 198 -16.51 -7.70 -5.13
CA ARG A 198 -15.39 -7.36 -6.00
C ARG A 198 -15.60 -6.03 -6.70
N ARG A 199 -16.84 -5.75 -7.15
CA ARG A 199 -17.10 -4.47 -7.80
C ARG A 199 -17.00 -3.33 -6.78
N LEU A 200 -17.55 -3.50 -5.58
CA LEU A 200 -17.41 -2.43 -4.58
C LEU A 200 -15.95 -2.15 -4.27
N ALA A 201 -15.17 -3.20 -3.97
CA ALA A 201 -13.76 -3.03 -3.63
C ALA A 201 -12.97 -2.45 -4.80
N ARG A 202 -13.14 -3.02 -5.98
CA ARG A 202 -12.36 -2.52 -7.11
C ARG A 202 -12.72 -1.08 -7.43
N SER A 203 -13.94 -0.64 -7.10
CA SER A 203 -14.33 0.73 -7.38
C SER A 203 -13.41 1.74 -6.69
N ILE A 204 -12.78 1.34 -5.58
CA ILE A 204 -11.96 2.32 -4.87
C ILE A 204 -10.56 1.77 -4.57
N ASN A 205 -10.13 0.74 -5.30
CA ASN A 205 -8.79 0.17 -5.13
C ASN A 205 -8.62 -0.43 -3.73
N ALA A 206 -9.72 -1.00 -3.16
CA ALA A 206 -9.67 -1.63 -1.85
C ALA A 206 -9.44 -3.13 -1.95
N PRO A 207 -8.81 -3.74 -0.97
CA PRO A 207 -8.71 -5.20 -0.94
C PRO A 207 -10.04 -5.78 -0.49
N PHE A 208 -10.24 -7.06 -0.81
CA PHE A 208 -11.44 -7.77 -0.42
C PHE A 208 -11.08 -9.22 -0.13
N SER A 209 -11.87 -9.87 0.71
CA SER A 209 -11.72 -11.29 0.95
C SER A 209 -12.69 -12.07 0.08
N GLU A 210 -12.46 -13.39 0.02
CA GLU A 210 -13.37 -14.30 -0.66
C GLU A 210 -14.16 -15.07 0.39
N GLU A 211 -15.22 -15.72 -0.06
CA GLU A 211 -16.03 -16.55 0.83
C GLU A 211 -15.27 -17.86 1.09
N TYR A 212 -14.81 -18.05 2.32
CA TYR A 212 -13.95 -19.19 2.60
C TYR A 212 -14.70 -20.51 2.36
N ALA A 213 -16.00 -20.53 2.65
CA ALA A 213 -16.79 -21.76 2.50
C ALA A 213 -16.68 -22.32 1.08
N ARG A 214 -16.70 -21.45 0.08
CA ARG A 214 -16.54 -21.91 -1.29
C ARG A 214 -15.16 -22.55 -1.50
N GLU A 215 -14.11 -21.90 -0.97
N GLU A 215 -14.09 -21.89 -1.02
CA GLU A 215 -12.76 -22.43 -1.13
CA GLU A 215 -12.76 -22.49 -1.16
C GLU A 215 -12.60 -23.76 -0.39
C GLU A 215 -12.73 -23.84 -0.46
N TYR A 216 -13.26 -23.89 0.76
CA TYR A 216 -13.20 -25.11 1.57
C TYR A 216 -13.90 -26.27 0.87
N GLU A 217 -15.07 -26.02 0.29
CA GLU A 217 -15.80 -27.09 -0.37
C GLU A 217 -15.12 -27.53 -1.66
N GLU A 218 -14.41 -26.64 -2.34
CA GLU A 218 -13.66 -27.06 -3.54
C GLU A 218 -12.41 -27.84 -3.16
N ALA A 219 -11.64 -27.34 -2.18
CA ALA A 219 -10.41 -27.99 -1.78
C ALA A 219 -10.68 -29.37 -1.18
N PHE A 220 -11.72 -29.49 -0.35
CA PHE A 220 -12.01 -30.78 0.24
C PHE A 220 -13.09 -31.55 -0.48
N ASN A 221 -13.74 -30.94 -1.49
CA ASN A 221 -14.57 -31.67 -2.46
C ASN A 221 -15.80 -32.26 -1.77
N ILE A 222 -16.55 -31.41 -1.06
CA ILE A 222 -17.76 -31.82 -0.35
C ILE A 222 -18.84 -30.79 -0.61
N ASP A 223 -20.10 -31.23 -0.56
CA ASP A 223 -21.29 -30.41 -0.77
C ASP A 223 -21.84 -29.90 0.56
N ASP A 224 -22.74 -28.90 0.47
CA ASP A 224 -23.40 -28.35 1.66
C ASP A 224 -24.01 -29.46 2.51
N ASP A 225 -24.75 -30.37 1.87
CA ASP A 225 -25.42 -31.38 2.68
C ASP A 225 -24.48 -32.41 3.27
N GLU A 226 -23.17 -32.32 3.04
CA GLU A 226 -22.21 -33.23 3.64
C GLU A 226 -21.44 -32.58 4.78
N LEU A 227 -21.71 -31.29 5.05
CA LEU A 227 -20.99 -30.59 6.10
C LEU A 227 -21.39 -31.11 7.48
N LYS A 228 -20.40 -31.32 8.34
CA LYS A 228 -20.61 -31.72 9.73
C LYS A 228 -20.10 -30.62 10.65
N MET A 229 -20.31 -30.83 11.95
CA MET A 229 -19.93 -29.84 12.96
C MET A 229 -18.51 -29.35 12.77
N ASP A 230 -17.59 -30.26 12.46
CA ASP A 230 -16.18 -29.90 12.41
C ASP A 230 -15.86 -29.06 11.18
N ASP A 231 -16.58 -29.28 10.08
CA ASP A 231 -16.44 -28.40 8.92
C ASP A 231 -16.83 -26.97 9.28
N TYR A 232 -17.95 -26.80 10.00
CA TYR A 232 -18.37 -25.46 10.39
C TYR A 232 -17.32 -24.79 11.24
N ALA A 233 -16.72 -25.55 12.17
CA ALA A 233 -15.65 -24.98 12.99
C ALA A 233 -14.52 -24.49 12.12
N ARG A 234 -14.09 -25.31 11.17
N ARG A 234 -14.09 -25.31 11.15
CA ARG A 234 -13.01 -24.92 10.27
CA ARG A 234 -13.00 -24.90 10.28
C ARG A 234 -13.40 -23.70 9.42
C ARG A 234 -13.40 -23.71 9.41
N MET A 235 -14.68 -23.59 9.05
CA MET A 235 -15.12 -22.42 8.31
C MET A 235 -15.14 -21.17 9.18
N ILE A 236 -15.38 -21.31 10.48
CA ILE A 236 -15.32 -20.14 11.34
C ILE A 236 -13.91 -19.56 11.35
N THR A 237 -12.91 -20.38 11.72
CA THR A 237 -11.56 -19.84 11.79
C THR A 237 -11.02 -19.51 10.40
N GLY A 238 -11.43 -20.27 9.38
CA GLY A 238 -10.96 -20.01 8.03
C GLY A 238 -11.41 -18.67 7.48
N GLN A 239 -12.70 -18.35 7.62
CA GLN A 239 -13.17 -17.05 7.17
C GLN A 239 -12.54 -15.93 7.99
N TYR A 240 -12.39 -16.14 9.30
CA TYR A 240 -11.79 -15.12 10.16
C TYR A 240 -10.35 -14.81 9.75
N ASP A 241 -9.55 -15.84 9.49
CA ASP A 241 -8.17 -15.64 9.05
C ASP A 241 -8.10 -14.95 7.69
N ALA A 242 -8.97 -15.34 6.76
CA ALA A 242 -8.99 -14.69 5.46
C ALA A 242 -9.31 -13.21 5.60
N ASN A 243 -10.28 -12.89 6.45
CA ASN A 243 -10.69 -11.51 6.66
C ASN A 243 -9.60 -10.68 7.35
N SER A 244 -8.97 -11.22 8.40
CA SER A 244 -7.87 -10.52 9.06
C SER A 244 -6.72 -10.27 8.09
N ARG A 245 -6.42 -11.25 7.24
CA ARG A 245 -5.39 -11.14 6.23
C ARG A 245 -5.61 -9.92 5.34
N GLU A 246 -6.86 -9.68 4.96
CA GLU A 246 -7.12 -8.51 4.12
C GLU A 246 -7.02 -7.22 4.93
N VAL A 247 -7.57 -7.20 6.15
CA VAL A 247 -7.45 -6.00 6.99
C VAL A 247 -5.99 -5.65 7.26
N ASN A 248 -5.15 -6.68 7.45
CA ASN A 248 -3.73 -6.47 7.70
C ASN A 248 -2.91 -6.35 6.44
N SER A 249 -3.53 -6.43 5.26
CA SER A 249 -2.77 -6.44 4.01
C SER A 249 -2.10 -5.10 3.76
N PRO A 250 -0.87 -5.09 3.25
CA PRO A 250 -0.28 -3.81 2.78
C PRO A 250 -1.06 -3.16 1.67
N ALA A 251 -1.90 -3.89 0.95
CA ALA A 251 -2.75 -3.29 -0.07
C ALA A 251 -3.88 -2.47 0.54
N ASN A 252 -4.15 -2.62 1.83
CA ASN A 252 -5.17 -1.81 2.50
C ASN A 252 -4.85 -0.33 2.37
N GLN A 253 -5.78 0.43 1.79
CA GLN A 253 -5.66 1.87 1.72
C GLN A 253 -6.54 2.57 2.73
N GLY A 254 -7.23 1.83 3.60
CA GLY A 254 -8.03 2.44 4.64
C GLY A 254 -9.43 1.87 4.73
N ILE A 255 -9.83 1.09 3.72
CA ILE A 255 -11.14 0.46 3.67
C ILE A 255 -10.97 -0.94 3.11
N VAL A 256 -11.58 -1.95 3.76
CA VAL A 256 -11.56 -3.32 3.24
C VAL A 256 -12.97 -3.88 3.17
N PHE A 257 -13.18 -4.81 2.23
CA PHE A 257 -14.47 -5.43 2.00
C PHE A 257 -14.37 -6.92 2.32
N LEU A 258 -15.31 -7.42 3.11
CA LEU A 258 -15.30 -8.80 3.56
C LEU A 258 -16.49 -9.55 2.99
N ASP A 259 -16.23 -10.71 2.40
CA ASP A 259 -17.27 -11.58 1.84
C ASP A 259 -17.68 -12.57 2.93
N THR A 260 -18.69 -12.19 3.71
CA THR A 260 -19.27 -12.94 4.82
C THR A 260 -18.32 -13.04 6.03
N ASP A 261 -18.83 -13.57 7.12
CA ASP A 261 -18.14 -13.56 8.41
C ASP A 261 -18.69 -14.69 9.28
N ALA A 262 -18.41 -14.65 10.58
CA ALA A 262 -18.85 -15.75 11.45
C ALA A 262 -20.36 -15.72 11.68
N ILE A 263 -20.98 -14.54 11.67
CA ILE A 263 -22.43 -14.48 11.82
C ILE A 263 -23.11 -15.24 10.68
N VAL A 264 -22.65 -15.02 9.44
CA VAL A 264 -23.19 -15.76 8.31
C VAL A 264 -23.05 -17.26 8.54
N THR A 265 -21.85 -17.71 8.93
CA THR A 265 -21.67 -19.13 9.21
C THR A 265 -22.57 -19.58 10.36
N ARG A 266 -22.80 -18.70 11.34
CA ARG A 266 -23.66 -19.06 12.47
C ARG A 266 -25.10 -19.21 12.04
N VAL A 267 -25.53 -18.50 11.01
CA VAL A 267 -26.88 -18.69 10.50
C VAL A 267 -27.01 -20.08 9.89
N TYR A 268 -26.06 -20.47 9.04
CA TYR A 268 -26.12 -21.81 8.46
C TYR A 268 -26.07 -22.88 9.54
N ALA A 269 -25.17 -22.73 10.51
CA ALA A 269 -25.09 -23.72 11.58
C ALA A 269 -26.40 -23.85 12.33
N LYS A 270 -27.04 -22.71 12.65
CA LYS A 270 -28.31 -22.76 13.37
C LYS A 270 -29.39 -23.48 12.57
N LEU A 271 -29.39 -23.27 11.25
CA LEU A 271 -30.42 -23.86 10.41
C LEU A 271 -30.20 -25.33 10.13
N TYR A 272 -28.96 -25.79 10.04
CA TYR A 272 -28.70 -27.12 9.54
C TYR A 272 -28.01 -28.06 10.52
N LEU A 273 -27.41 -27.58 11.57
CA LEU A 273 -26.80 -28.55 12.47
C LEU A 273 -27.81 -29.03 13.50
N PRO A 274 -27.62 -30.22 14.03
CA PRO A 274 -28.39 -30.61 15.23
C PRO A 274 -28.11 -29.65 16.38
N LYS A 275 -29.10 -29.51 17.25
CA LYS A 275 -29.00 -28.55 18.35
C LYS A 275 -27.72 -28.78 19.16
N GLU A 276 -27.41 -30.04 19.46
CA GLU A 276 -26.24 -30.33 20.28
C GLU A 276 -24.98 -29.84 19.63
N ASP A 277 -24.85 -30.07 18.32
CA ASP A 277 -23.62 -29.68 17.62
C ASP A 277 -23.52 -28.18 17.52
N PHE A 278 -24.65 -27.50 17.30
CA PHE A 278 -24.63 -26.05 17.32
C PHE A 278 -24.18 -25.54 18.68
N GLU A 279 -24.80 -26.04 19.74
CA GLU A 279 -24.43 -25.57 21.08
C GLU A 279 -22.98 -25.83 21.38
N GLN A 280 -22.40 -26.88 20.78
CA GLN A 280 -20.99 -27.15 21.01
C GLN A 280 -20.10 -26.15 20.30
N LEU A 281 -20.57 -25.53 19.22
CA LEU A 281 -19.79 -24.51 18.52
C LEU A 281 -19.99 -23.11 19.09
N GLU A 282 -21.00 -22.91 19.93
CA GLU A 282 -21.33 -21.56 20.42
C GLU A 282 -20.15 -20.82 21.02
N PRO A 283 -19.31 -21.42 21.89
CA PRO A 283 -18.15 -20.66 22.39
C PRO A 283 -17.24 -20.13 21.30
N LEU A 284 -16.92 -20.95 20.29
CA LEU A 284 -16.07 -20.46 19.20
C LEU A 284 -16.78 -19.38 18.39
N PHE A 285 -18.09 -19.50 18.19
CA PHE A 285 -18.83 -18.42 17.53
C PHE A 285 -18.69 -17.11 18.30
N ARG A 286 -18.93 -17.15 19.62
N ARG A 286 -18.97 -17.17 19.62
CA ARG A 286 -18.99 -15.91 20.38
CA ARG A 286 -18.97 -15.96 20.45
C ARG A 286 -17.60 -15.29 20.55
C ARG A 286 -17.60 -15.32 20.47
N LYS A 287 -16.56 -16.10 20.73
CA LYS A 287 -15.19 -15.60 20.66
C LYS A 287 -14.93 -14.92 19.32
N THR A 288 -15.23 -15.59 18.21
CA THR A 288 -14.89 -15.03 16.91
C THR A 288 -15.72 -13.78 16.59
N ILE A 289 -17.02 -13.82 16.86
CA ILE A 289 -17.84 -12.66 16.56
C ILE A 289 -17.40 -11.47 17.41
N ALA A 290 -16.95 -11.73 18.63
CA ALA A 290 -16.43 -10.68 19.49
C ALA A 290 -15.16 -10.03 18.96
N ASP A 291 -14.40 -10.72 18.10
CA ASP A 291 -13.17 -10.17 17.54
C ASP A 291 -13.39 -9.44 16.23
N GLU A 292 -14.64 -9.34 15.77
CA GLU A 292 -14.93 -8.68 14.52
C GLU A 292 -15.23 -7.21 14.75
N ARG A 293 -14.72 -6.36 13.86
CA ARG A 293 -14.99 -4.93 13.88
C ARG A 293 -15.61 -4.60 12.53
N MET A 294 -16.88 -4.20 12.53
CA MET A 294 -17.58 -3.85 11.30
C MET A 294 -18.12 -2.44 11.37
N ASP A 295 -17.91 -1.67 10.31
CA ASP A 295 -18.46 -0.33 10.24
C ASP A 295 -19.74 -0.28 9.44
N LEU A 296 -19.88 -1.16 8.47
CA LEU A 296 -21.03 -1.19 7.59
C LEU A 296 -21.29 -2.64 7.21
N ILE A 297 -22.54 -3.07 7.32
CA ILE A 297 -22.97 -4.42 6.99
C ILE A 297 -24.01 -4.33 5.88
N LEU A 298 -23.65 -4.83 4.70
CA LEU A 298 -24.54 -4.84 3.54
C LEU A 298 -25.23 -6.20 3.44
N VAL A 299 -26.55 -6.21 3.52
CA VAL A 299 -27.32 -7.44 3.47
C VAL A 299 -28.02 -7.52 2.12
N ILE A 300 -27.80 -8.60 1.38
CA ILE A 300 -28.51 -8.85 0.12
C ILE A 300 -29.74 -9.67 0.45
N PRO A 301 -30.94 -9.12 0.31
CA PRO A 301 -32.15 -9.84 0.68
C PRO A 301 -32.59 -10.76 -0.44
N PRO A 302 -33.38 -11.78 -0.13
CA PRO A 302 -33.83 -12.70 -1.18
C PRO A 302 -34.90 -12.03 -2.05
N ILE A 303 -34.63 -11.96 -3.35
CA ILE A 303 -35.66 -11.72 -4.35
C ILE A 303 -35.42 -12.67 -5.51
N THR A 304 -36.50 -12.95 -6.24
CA THR A 304 -36.46 -13.93 -7.32
C THR A 304 -35.45 -13.54 -8.41
N PHE A 311 -19.65 -22.87 -9.83
CA PHE A 311 -19.85 -23.40 -8.48
C PHE A 311 -21.12 -22.83 -7.86
N ARG A 312 -22.00 -23.73 -7.40
CA ARG A 312 -23.25 -23.36 -6.75
C ARG A 312 -23.40 -24.12 -5.43
N HIS A 313 -23.62 -23.38 -4.35
CA HIS A 313 -24.07 -24.00 -3.09
C HIS A 313 -25.46 -24.59 -3.35
N MET A 314 -25.54 -25.89 -3.59
CA MET A 314 -26.79 -26.47 -4.08
C MET A 314 -27.85 -26.52 -2.97
N GLU A 315 -27.46 -26.93 -1.76
CA GLU A 315 -28.43 -27.00 -0.66
C GLU A 315 -28.69 -25.65 -0.02
N TRP A 316 -27.67 -24.78 0.06
CA TRP A 316 -27.85 -23.44 0.59
C TRP A 316 -28.70 -22.54 -0.30
N GLU A 317 -29.06 -23.01 -1.50
CA GLU A 317 -29.84 -22.19 -2.43
C GLU A 317 -31.30 -22.06 -1.99
N GLU A 318 -31.89 -23.14 -1.50
CA GLU A 318 -33.32 -23.15 -1.17
C GLU A 318 -33.54 -22.61 0.25
N SER A 319 -34.77 -22.11 0.48
CA SER A 319 -35.14 -21.47 1.75
C SER A 319 -34.29 -20.23 1.99
N ARG A 320 -34.26 -19.36 0.98
CA ARG A 320 -33.61 -18.07 1.15
C ARG A 320 -34.26 -17.26 2.24
N HIS A 321 -35.59 -17.21 2.25
CA HIS A 321 -36.30 -16.42 3.26
C HIS A 321 -36.05 -16.97 4.66
N GLU A 322 -35.89 -18.29 4.78
CA GLU A 322 -35.49 -18.88 6.05
C GLU A 322 -34.12 -18.34 6.49
N PHE A 323 -33.14 -18.32 5.59
CA PHE A 323 -31.82 -17.78 5.92
C PHE A 323 -31.92 -16.30 6.30
N HIS A 324 -32.67 -15.52 5.53
CA HIS A 324 -32.72 -14.09 5.77
C HIS A 324 -33.36 -13.75 7.11
N GLU A 325 -34.48 -14.40 7.44
CA GLU A 325 -35.10 -14.15 8.75
C GLU A 325 -34.16 -14.51 9.89
N GLU A 326 -33.44 -15.61 9.77
CA GLU A 326 -32.54 -15.99 10.85
C GLU A 326 -31.37 -15.03 10.94
N LEU A 327 -30.87 -14.57 9.78
CA LEU A 327 -29.78 -13.61 9.78
C LEU A 327 -30.20 -12.32 10.48
N MET A 328 -31.39 -11.80 10.13
CA MET A 328 -31.86 -10.59 10.77
C MET A 328 -32.06 -10.79 12.26
N ARG A 329 -32.60 -11.93 12.67
CA ARG A 329 -32.69 -12.23 14.11
C ARG A 329 -31.31 -12.13 14.76
N GLN A 330 -30.30 -12.74 14.14
CA GLN A 330 -28.99 -12.77 14.76
C GLN A 330 -28.32 -11.40 14.75
N LEU A 331 -28.44 -10.66 13.66
CA LEU A 331 -27.92 -9.28 13.66
C LEU A 331 -28.57 -8.46 14.76
N ALA A 332 -29.84 -8.73 15.07
CA ALA A 332 -30.42 -8.10 16.24
C ALA A 332 -29.80 -8.66 17.52
N GLU A 333 -29.64 -9.98 17.59
CA GLU A 333 -29.05 -10.61 18.77
C GLU A 333 -27.72 -9.98 19.17
N PHE A 334 -26.90 -9.61 18.19
CA PHE A 334 -25.58 -9.03 18.47
C PHE A 334 -25.60 -7.50 18.40
N GLY A 335 -26.77 -6.89 18.35
CA GLY A 335 -26.89 -5.43 18.43
C GLY A 335 -26.25 -4.66 17.29
N LEU A 336 -26.38 -5.14 16.06
CA LEU A 336 -25.70 -4.57 14.91
C LEU A 336 -26.64 -3.79 13.99
N LEU A 337 -27.90 -3.64 14.35
CA LEU A 337 -28.89 -3.19 13.37
C LEU A 337 -28.59 -1.79 12.84
N ASP A 338 -27.89 -0.95 13.61
CA ASP A 338 -27.61 0.41 13.15
C ASP A 338 -26.55 0.47 12.07
N LYS A 339 -25.79 -0.60 11.88
CA LYS A 339 -24.81 -0.69 10.81
C LYS A 339 -25.32 -1.43 9.59
N VAL A 340 -26.57 -1.90 9.61
CA VAL A 340 -27.09 -2.76 8.54
C VAL A 340 -27.82 -1.91 7.50
N VAL A 341 -27.45 -2.08 6.25
CA VAL A 341 -28.18 -1.55 5.11
C VAL A 341 -28.62 -2.74 4.26
N ILE A 342 -29.92 -2.82 4.00
CA ILE A 342 -30.50 -3.91 3.24
C ILE A 342 -30.61 -3.47 1.78
N LEU A 343 -30.05 -4.27 0.86
CA LEU A 343 -30.01 -3.90 -0.56
C LEU A 343 -31.25 -4.46 -1.28
N ASP A 344 -32.38 -3.82 -1.02
CA ASP A 344 -33.66 -4.25 -1.57
C ASP A 344 -34.07 -3.34 -2.74
N ASP A 345 -33.37 -3.51 -3.85
CA ASP A 345 -33.64 -2.72 -5.06
C ASP A 345 -34.01 -3.64 -6.21
N GLU A 346 -33.90 -3.13 -7.44
CA GLU A 346 -34.13 -3.95 -8.64
C GLU A 346 -35.46 -4.71 -8.62
N GLY A 354 -35.89 5.53 -5.60
CA GLY A 354 -34.99 4.49 -5.12
C GLY A 354 -33.74 4.40 -5.99
N TYR A 355 -32.84 3.48 -5.67
CA TYR A 355 -31.61 3.48 -6.45
C TYR A 355 -31.79 2.73 -7.78
N LEU A 356 -30.88 3.00 -8.71
CA LEU A 356 -30.96 2.38 -10.03
C LEU A 356 -30.73 0.88 -9.95
N THR A 357 -29.76 0.47 -9.15
CA THR A 357 -29.37 -0.92 -9.04
C THR A 357 -28.89 -1.20 -7.61
N ARG A 358 -28.75 -2.48 -7.29
N ARG A 358 -28.77 -2.49 -7.30
CA ARG A 358 -28.17 -2.86 -6.01
CA ARG A 358 -28.16 -2.92 -6.05
C ARG A 358 -26.78 -2.27 -5.85
C ARG A 358 -26.79 -2.27 -5.86
N TYR A 359 -25.99 -2.25 -6.92
CA TYR A 359 -24.64 -1.69 -6.84
C TYR A 359 -24.68 -0.19 -6.52
N HIS A 360 -25.57 0.56 -7.19
CA HIS A 360 -25.71 1.99 -6.86
C HIS A 360 -26.02 2.18 -5.39
N HIS A 361 -26.97 1.39 -4.86
CA HIS A 361 -27.34 1.50 -3.46
C HIS A 361 -26.14 1.25 -2.55
N ALA A 362 -25.39 0.18 -2.81
CA ALA A 362 -24.29 -0.21 -1.93
C ALA A 362 -23.14 0.78 -1.98
N ILE A 363 -22.76 1.24 -3.18
CA ILE A 363 -21.61 2.15 -3.26
C ILE A 363 -21.96 3.49 -2.62
N ASP A 364 -23.24 3.89 -2.68
CA ASP A 364 -23.67 5.07 -1.93
C ASP A 364 -23.61 4.82 -0.43
N ALA A 365 -24.01 3.63 0.01
CA ALA A 365 -23.89 3.32 1.43
C ALA A 365 -22.44 3.33 1.86
N VAL A 366 -21.54 2.83 1.00
CA VAL A 366 -20.11 2.92 1.27
C VAL A 366 -19.70 4.38 1.45
N HIS A 367 -20.17 5.24 0.55
CA HIS A 367 -19.87 6.67 0.66
C HIS A 367 -20.33 7.24 2.00
N GLU A 368 -21.58 7.00 2.38
CA GLU A 368 -22.10 7.57 3.63
C GLU A 368 -21.36 7.04 4.86
N TYR A 369 -20.90 5.80 4.85
CA TYR A 369 -20.34 5.22 6.08
C TYR A 369 -18.82 5.32 6.17
N THR A 370 -18.12 5.61 5.07
CA THR A 370 -16.68 5.74 5.11
C THR A 370 -16.15 7.09 4.70
N GLY A 371 -16.91 7.88 3.96
CA GLY A 371 -16.45 9.19 3.55
C GLY A 371 -15.81 9.21 2.18
N VAL A 372 -15.61 8.05 1.55
CA VAL A 372 -14.87 8.02 0.29
C VAL A 372 -15.71 8.65 -0.82
N LYS A 373 -15.04 9.37 -1.70
CA LYS A 373 -15.77 10.02 -2.79
C LYS A 373 -16.07 9.02 -3.90
N ILE A 374 -17.23 9.16 -4.51
CA ILE A 374 -17.68 8.26 -5.56
C ILE A 374 -18.11 9.14 -6.73
N GLU A 375 -17.67 8.80 -7.92
CA GLU A 375 -18.00 9.62 -9.06
C GLU A 375 -19.36 9.25 -9.60
N ARG A 376 -20.05 10.26 -10.09
CA ARG A 376 -21.29 10.08 -10.81
C ARG A 376 -20.99 9.66 -12.23
N LEU A 377 -21.97 9.06 -12.86
CA LEU A 377 -21.84 8.72 -14.26
C LEU A 377 -22.53 9.75 -15.13
N SER A 378 -23.66 10.27 -14.67
CA SER A 378 -24.46 11.20 -15.44
C SER A 378 -24.52 12.57 -14.74
N TYR A 379 -25.01 13.54 -15.49
CA TYR A 379 -25.17 14.89 -14.98
C TYR A 379 -26.36 14.94 -14.03
N LYS B 8 -17.43 -16.58 -26.89
CA LYS B 8 -16.11 -17.04 -26.47
C LYS B 8 -15.39 -15.93 -25.74
N SER B 9 -14.41 -15.32 -26.40
CA SER B 9 -13.82 -14.07 -25.91
C SER B 9 -14.56 -12.85 -26.41
N LYS B 10 -15.86 -12.99 -26.71
CA LYS B 10 -16.72 -11.91 -27.13
C LYS B 10 -17.73 -11.63 -26.01
N LEU B 11 -18.28 -10.43 -26.01
CA LEU B 11 -19.28 -10.07 -25.01
C LEU B 11 -20.61 -10.74 -25.32
N SER B 12 -21.16 -11.42 -24.33
CA SER B 12 -22.50 -11.96 -24.50
C SER B 12 -23.52 -10.95 -23.98
N GLY B 13 -24.78 -11.20 -24.32
CA GLY B 13 -25.89 -10.40 -23.86
C GLY B 13 -26.45 -9.53 -24.96
N LYS B 14 -27.65 -9.02 -24.69
CA LYS B 14 -28.35 -8.17 -25.65
C LYS B 14 -28.15 -6.68 -25.37
N ASN B 15 -28.14 -6.29 -24.11
CA ASN B 15 -28.00 -4.89 -23.72
C ASN B 15 -26.54 -4.60 -23.43
N ILE B 16 -25.89 -3.86 -24.32
CA ILE B 16 -24.46 -3.61 -24.25
C ILE B 16 -24.24 -2.12 -24.04
N GLY B 17 -23.42 -1.77 -23.06
CA GLY B 17 -22.99 -0.40 -22.84
C GLY B 17 -21.59 -0.21 -23.40
N ILE B 18 -21.34 0.97 -23.98
CA ILE B 18 -20.06 1.32 -24.57
C ILE B 18 -19.47 2.47 -23.76
N TYR B 19 -18.27 2.26 -23.22
CA TYR B 19 -17.58 3.26 -22.41
C TYR B 19 -16.22 3.57 -23.04
N PHE B 20 -15.98 4.86 -23.31
CA PHE B 20 -14.80 5.30 -24.04
C PHE B 20 -13.77 5.85 -23.06
N GLY B 21 -12.50 5.75 -23.42
CA GLY B 21 -11.48 6.41 -22.62
C GLY B 21 -10.11 6.32 -23.23
N THR B 22 -9.24 7.17 -22.73
CA THR B 22 -7.80 7.19 -22.98
C THR B 22 -7.02 6.37 -21.95
N PHE B 23 -7.40 6.47 -20.68
CA PHE B 23 -6.85 5.66 -19.58
C PHE B 23 -5.34 5.85 -19.47
N ALA B 24 -4.94 7.10 -19.30
CA ALA B 24 -3.52 7.46 -19.21
C ALA B 24 -3.28 8.23 -17.91
N PRO B 25 -3.44 7.57 -16.75
CA PRO B 25 -3.75 6.16 -16.53
C PRO B 25 -5.23 5.91 -16.16
N LEU B 26 -5.63 4.64 -16.15
CA LEU B 26 -6.85 4.23 -15.50
C LEU B 26 -6.82 4.61 -14.02
N HIS B 27 -7.91 5.19 -13.52
CA HIS B 27 -7.97 5.55 -12.12
C HIS B 27 -9.35 5.23 -11.57
N THR B 28 -9.54 5.44 -10.25
N THR B 28 -9.52 5.47 -10.25
CA THR B 28 -10.76 4.99 -9.61
CA THR B 28 -10.74 5.01 -9.58
C THR B 28 -11.99 5.76 -10.06
C THR B 28 -11.98 5.74 -10.09
N GLY B 29 -11.82 6.95 -10.63
CA GLY B 29 -12.96 7.65 -11.24
C GLY B 29 -13.51 6.90 -12.44
N HIS B 30 -12.62 6.48 -13.35
CA HIS B 30 -13.00 5.55 -14.40
C HIS B 30 -13.71 4.33 -13.82
N GLN B 31 -13.10 3.71 -12.81
CA GLN B 31 -13.60 2.41 -12.36
C GLN B 31 -15.00 2.53 -11.79
N GLN B 32 -15.26 3.60 -11.04
CA GLN B 32 -16.60 3.82 -10.49
C GLN B 32 -17.62 4.00 -11.60
N GLN B 33 -17.26 4.72 -12.67
CA GLN B 33 -18.20 4.88 -13.77
C GLN B 33 -18.39 3.56 -14.50
N ILE B 34 -17.31 2.80 -14.68
CA ILE B 34 -17.41 1.55 -15.42
C ILE B 34 -18.31 0.57 -14.66
N TYR B 35 -18.13 0.46 -13.34
CA TYR B 35 -18.98 -0.49 -12.61
C TYR B 35 -20.44 -0.04 -12.55
N LYS B 36 -20.72 1.27 -12.60
CA LYS B 36 -22.11 1.70 -12.75
C LYS B 36 -22.67 1.27 -14.10
N CYS B 37 -21.89 1.48 -15.17
CA CYS B 37 -22.30 0.99 -16.49
C CYS B 37 -22.55 -0.51 -16.48
N ALA B 38 -21.65 -1.27 -15.87
CA ALA B 38 -21.81 -2.71 -15.87
C ALA B 38 -23.01 -3.15 -15.06
N SER B 39 -23.48 -2.33 -14.12
CA SER B 39 -24.69 -2.71 -13.41
C SER B 39 -25.96 -2.39 -14.19
N LEU B 40 -25.86 -1.55 -15.21
CA LEU B 40 -27.01 -1.13 -16.00
C LEU B 40 -27.16 -1.90 -17.30
N ASN B 41 -26.21 -2.75 -17.65
CA ASN B 41 -26.22 -3.47 -18.91
C ASN B 41 -25.86 -4.93 -18.70
N ASP B 42 -26.16 -5.75 -19.70
CA ASP B 42 -25.72 -7.15 -19.67
C ASP B 42 -24.21 -7.26 -19.82
N GLY B 43 -23.59 -6.35 -20.57
CA GLY B 43 -22.16 -6.33 -20.68
C GLY B 43 -21.70 -4.95 -21.10
N VAL B 44 -20.41 -4.69 -20.86
CA VAL B 44 -19.80 -3.39 -21.15
C VAL B 44 -18.60 -3.63 -22.05
N LEU B 45 -18.50 -2.86 -23.11
CA LEU B 45 -17.33 -2.83 -23.96
C LEU B 45 -16.55 -1.57 -23.61
N LEU B 46 -15.33 -1.74 -23.08
CA LEU B 46 -14.42 -0.64 -22.84
C LEU B 46 -13.65 -0.38 -24.13
N VAL B 47 -13.71 0.84 -24.63
CA VAL B 47 -13.02 1.22 -25.86
C VAL B 47 -11.86 2.13 -25.45
N VAL B 48 -10.63 1.64 -25.61
CA VAL B 48 -9.41 2.40 -25.36
C VAL B 48 -8.96 3.05 -26.68
N SER B 49 -8.99 4.39 -26.74
CA SER B 49 -8.57 5.06 -27.97
C SER B 49 -7.20 5.69 -27.79
N GLY B 50 -6.49 5.87 -28.91
CA GLY B 50 -5.16 6.43 -28.87
C GLY B 50 -4.57 6.57 -30.26
N TYR B 51 -3.45 7.29 -30.33
CA TYR B 51 -2.71 7.46 -31.56
C TYR B 51 -1.28 7.81 -31.21
N ASP B 52 -0.40 7.63 -32.19
CA ASP B 52 1.03 7.90 -32.00
C ASP B 52 1.23 9.29 -31.42
N ASN B 53 2.08 9.37 -30.39
CA ASN B 53 2.48 10.63 -29.76
C ASN B 53 1.33 11.37 -29.09
N ASP B 54 0.28 10.68 -28.67
CA ASP B 54 -0.77 11.37 -27.93
C ASP B 54 -0.27 11.65 -26.50
N ARG B 55 -1.15 12.17 -25.64
CA ARG B 55 -0.76 12.51 -24.28
C ARG B 55 -0.17 11.31 -23.55
N GLY B 56 -0.81 10.15 -23.69
CA GLY B 56 -0.30 8.96 -23.01
C GLY B 56 1.06 8.54 -23.54
N ALA B 57 1.22 8.50 -24.86
CA ALA B 57 2.53 8.15 -25.42
C ALA B 57 3.62 9.09 -24.90
N GLN B 58 3.31 10.36 -24.73
CA GLN B 58 4.36 11.31 -24.38
C GLN B 58 4.94 11.05 -22.99
N ILE B 59 4.17 10.43 -22.09
CA ILE B 59 4.67 10.07 -20.77
C ILE B 59 5.00 8.59 -20.68
N GLY B 60 5.17 7.92 -21.82
CA GLY B 60 5.57 6.52 -21.81
C GLY B 60 4.43 5.53 -21.62
N LEU B 61 3.20 5.93 -21.92
CA LEU B 61 2.03 5.06 -21.88
C LEU B 61 1.31 5.11 -23.23
N PRO B 62 1.95 4.62 -24.29
CA PRO B 62 1.30 4.62 -25.61
C PRO B 62 0.13 3.65 -25.62
N LEU B 63 -0.64 3.75 -26.70
CA LEU B 63 -1.91 3.03 -26.81
C LEU B 63 -1.76 1.52 -26.56
N GLU B 64 -0.76 0.91 -27.18
CA GLU B 64 -0.58 -0.53 -27.02
C GLU B 64 -0.38 -0.92 -25.56
N LYS B 65 0.40 -0.14 -24.81
CA LYS B 65 0.63 -0.47 -23.42
C LYS B 65 -0.61 -0.21 -22.55
N ARG B 66 -1.32 0.91 -22.81
CA ARG B 66 -2.57 1.17 -22.07
C ARG B 66 -3.58 0.08 -22.31
N PHE B 67 -3.68 -0.38 -23.56
CA PHE B 67 -4.58 -1.48 -23.86
C PHE B 67 -4.23 -2.74 -23.07
N ARG B 68 -2.96 -3.14 -23.09
CA ARG B 68 -2.57 -4.33 -22.33
C ARG B 68 -2.82 -4.15 -20.83
N TYR B 69 -2.55 -2.96 -20.29
CA TYR B 69 -2.78 -2.74 -18.87
C TYR B 69 -4.27 -2.83 -18.52
N LEU B 70 -5.14 -2.27 -19.36
CA LEU B 70 -6.58 -2.37 -19.10
C LEU B 70 -7.02 -3.83 -19.13
N ARG B 71 -6.49 -4.61 -20.09
CA ARG B 71 -6.81 -6.03 -20.15
C ARG B 71 -6.43 -6.73 -18.85
N GLU B 72 -5.26 -6.40 -18.29
CA GLU B 72 -4.89 -7.01 -17.01
C GLU B 72 -5.79 -6.51 -15.90
N ALA B 73 -6.05 -5.19 -15.85
CA ALA B 73 -6.86 -4.61 -14.77
C ALA B 73 -8.26 -5.20 -14.73
N PHE B 74 -8.84 -5.54 -15.88
CA PHE B 74 -10.16 -6.15 -15.93
C PHE B 74 -10.08 -7.63 -16.32
N ASN B 75 -9.04 -8.35 -15.84
CA ASN B 75 -8.86 -9.76 -16.21
C ASN B 75 -9.77 -10.70 -15.46
N ASP B 76 -10.57 -10.21 -14.52
CA ASP B 76 -11.38 -11.06 -13.66
C ASP B 76 -12.82 -10.58 -13.68
N GLU B 77 -13.30 -10.17 -14.85
CA GLU B 77 -14.65 -9.64 -15.00
C GLU B 77 -15.41 -10.48 -16.00
N GLU B 78 -16.59 -10.90 -15.61
CA GLU B 78 -17.47 -11.59 -16.54
C GLU B 78 -17.78 -10.74 -17.76
N ASN B 79 -18.55 -9.67 -17.55
CA ASN B 79 -19.25 -8.99 -18.63
C ASN B 79 -18.53 -7.74 -19.12
N ILE B 80 -17.21 -7.63 -18.97
CA ILE B 80 -16.49 -6.44 -19.39
C ILE B 80 -15.39 -6.85 -20.35
N LYS B 81 -15.43 -6.32 -21.55
CA LYS B 81 -14.42 -6.60 -22.57
C LYS B 81 -13.68 -5.31 -22.90
N VAL B 82 -12.38 -5.42 -23.13
CA VAL B 82 -11.52 -4.29 -23.48
C VAL B 82 -11.11 -4.42 -24.94
N SER B 83 -11.29 -3.35 -25.70
N SER B 83 -11.27 -3.34 -25.68
CA SER B 83 -10.88 -3.33 -27.10
CA SER B 83 -10.91 -3.31 -27.10
C SER B 83 -10.20 -2.02 -27.43
C SER B 83 -10.17 -2.02 -27.41
N MET B 84 -9.34 -2.08 -28.44
CA MET B 84 -8.52 -0.94 -28.86
C MET B 84 -9.15 -0.23 -30.06
N LEU B 85 -9.31 1.07 -29.95
CA LEU B 85 -9.71 1.92 -31.07
C LEU B 85 -8.49 2.73 -31.46
N ASN B 86 -7.78 2.25 -32.48
CA ASN B 86 -6.57 2.86 -32.99
C ASN B 86 -6.92 4.00 -33.93
N GLU B 87 -6.50 5.22 -33.58
CA GLU B 87 -6.88 6.40 -34.34
C GLU B 87 -5.76 6.92 -35.23
N ASN B 88 -4.68 6.15 -35.43
CA ASN B 88 -3.65 6.59 -36.35
C ASN B 88 -4.20 6.70 -37.77
N ASP B 89 -3.51 7.47 -38.58
CA ASP B 89 -3.86 7.64 -39.99
C ASP B 89 -5.30 8.10 -40.14
N LEU B 90 -5.72 9.03 -39.29
CA LEU B 90 -7.03 9.64 -39.42
C LEU B 90 -6.90 11.14 -39.70
N PRO B 91 -7.70 11.70 -40.61
CA PRO B 91 -7.82 13.16 -40.70
C PRO B 91 -8.22 13.72 -39.35
N GLU B 92 -7.62 14.86 -38.98
CA GLU B 92 -8.03 15.51 -37.74
C GLU B 92 -9.49 15.93 -37.88
N MET B 93 -10.20 16.03 -36.77
CA MET B 93 -11.62 16.26 -36.88
C MET B 93 -11.87 17.74 -37.23
N PRO B 94 -13.03 18.06 -37.84
CA PRO B 94 -14.24 17.31 -38.19
C PRO B 94 -14.16 16.35 -39.40
N ASN B 95 -13.02 16.30 -40.09
CA ASN B 95 -13.00 15.51 -41.33
C ASN B 95 -12.82 14.00 -41.12
N GLY B 96 -12.42 13.55 -39.94
CA GLY B 96 -12.22 12.14 -39.59
C GLY B 96 -13.44 11.28 -39.30
N TRP B 97 -14.63 11.87 -39.15
CA TRP B 97 -15.75 11.16 -38.51
C TRP B 97 -16.17 9.90 -39.27
N ASP B 98 -16.16 9.92 -40.61
CA ASP B 98 -16.64 8.75 -41.36
C ASP B 98 -15.81 7.52 -41.06
N GLU B 99 -14.49 7.59 -41.24
N GLU B 99 -14.49 7.61 -41.21
CA GLU B 99 -13.67 6.40 -41.00
CA GLU B 99 -13.62 6.45 -41.02
C GLU B 99 -13.61 6.06 -39.52
C GLU B 99 -13.51 6.09 -39.54
N TRP B 100 -13.62 7.07 -38.65
CA TRP B 100 -13.58 6.80 -37.22
C TRP B 100 -14.77 5.93 -36.81
N ALA B 101 -15.99 6.31 -37.25
CA ALA B 101 -17.18 5.53 -36.93
C ALA B 101 -17.10 4.13 -37.51
N ASN B 102 -16.57 4.00 -38.73
CA ASN B 102 -16.37 2.67 -39.32
C ASN B 102 -15.51 1.80 -38.42
N ARG B 103 -14.35 2.32 -37.98
CA ARG B 103 -13.50 1.55 -37.08
C ARG B 103 -14.25 1.21 -35.79
N LEU B 104 -15.04 2.16 -35.26
CA LEU B 104 -15.75 1.92 -34.02
C LEU B 104 -16.79 0.80 -34.17
N PHE B 105 -17.59 0.86 -35.24
CA PHE B 105 -18.64 -0.15 -35.40
C PHE B 105 -18.07 -1.51 -35.79
N GLU B 106 -16.95 -1.54 -36.52
CA GLU B 106 -16.30 -2.81 -36.76
C GLU B 106 -15.90 -3.46 -35.45
N LEU B 107 -15.36 -2.65 -34.55
CA LEU B 107 -14.99 -3.09 -33.22
C LEU B 107 -16.19 -3.64 -32.45
N ILE B 108 -17.33 -2.96 -32.50
CA ILE B 108 -18.52 -3.45 -31.80
C ILE B 108 -18.93 -4.81 -32.35
N HIS B 109 -18.97 -4.92 -33.68
CA HIS B 109 -19.36 -6.17 -34.33
C HIS B 109 -18.43 -7.32 -33.95
N HIS B 110 -17.11 -7.08 -34.03
CA HIS B 110 -16.14 -8.13 -33.77
C HIS B 110 -16.18 -8.60 -32.32
N ASN B 111 -16.43 -7.70 -31.35
CA ASN B 111 -16.27 -8.06 -29.95
C ASN B 111 -17.58 -8.37 -29.24
N THR B 112 -18.68 -8.54 -29.97
CA THR B 112 -19.95 -8.94 -29.37
C THR B 112 -20.41 -10.27 -29.97
N LEU B 113 -21.04 -11.09 -29.13
CA LEU B 113 -21.48 -12.42 -29.54
C LEU B 113 -22.75 -12.37 -30.39
N GLU B 114 -23.78 -11.72 -29.88
CA GLU B 114 -25.12 -11.86 -30.41
C GLU B 114 -25.47 -10.75 -31.40
N ASN B 115 -26.64 -10.90 -32.01
CA ASN B 115 -27.23 -9.93 -32.91
C ASN B 115 -28.49 -9.34 -32.27
N ASP B 116 -29.06 -8.35 -32.96
CA ASP B 116 -30.22 -7.61 -32.46
C ASP B 116 -29.93 -7.03 -31.08
N LEU B 117 -28.80 -6.36 -30.98
CA LEU B 117 -28.38 -5.80 -29.71
C LEU B 117 -29.09 -4.48 -29.45
N SER B 118 -29.15 -4.12 -28.18
CA SER B 118 -29.51 -2.78 -27.78
C SER B 118 -28.27 -2.17 -27.13
N VAL B 119 -27.57 -1.31 -27.87
CA VAL B 119 -26.31 -0.78 -27.37
C VAL B 119 -26.51 0.69 -27.01
N THR B 120 -25.92 1.08 -25.89
CA THR B 120 -25.95 2.44 -25.37
C THR B 120 -24.54 2.97 -25.34
N PHE B 121 -24.31 4.06 -26.05
CA PHE B 121 -23.04 4.78 -26.00
C PHE B 121 -23.11 5.78 -24.86
N TYR B 122 -22.16 5.70 -23.94
CA TYR B 122 -21.98 6.71 -22.90
C TYR B 122 -20.92 7.68 -23.39
N VAL B 123 -21.34 8.90 -23.66
CA VAL B 123 -20.55 9.91 -24.36
C VAL B 123 -20.45 11.16 -23.49
N GLY B 124 -19.25 11.71 -23.39
CA GLY B 124 -18.94 12.81 -22.50
C GLY B 124 -18.72 14.13 -23.20
N GLU B 125 -18.67 14.13 -24.53
CA GLU B 125 -18.54 15.36 -25.31
C GLU B 125 -19.65 15.45 -26.34
N LEU B 126 -20.32 16.61 -26.37
CA LEU B 126 -21.52 16.72 -27.18
C LEU B 126 -21.22 16.65 -28.68
N GLU B 127 -20.04 17.11 -29.13
CA GLU B 127 -19.74 16.98 -30.56
C GLU B 127 -19.63 15.52 -30.96
N TYR B 128 -19.05 14.68 -30.10
CA TYR B 128 -19.01 13.24 -30.36
C TYR B 128 -20.41 12.66 -30.43
N ALA B 129 -21.26 13.03 -29.47
CA ALA B 129 -22.64 12.54 -29.48
C ALA B 129 -23.32 12.85 -30.80
N ALA B 130 -23.21 14.10 -31.26
CA ALA B 130 -23.86 14.47 -32.52
C ALA B 130 -23.26 13.74 -33.72
N GLU B 131 -21.93 13.66 -33.80
CA GLU B 131 -21.35 13.02 -34.99
C GLU B 131 -21.63 11.52 -35.00
N LEU B 132 -21.66 10.88 -33.84
CA LEU B 132 -21.96 9.46 -33.78
C LEU B 132 -23.39 9.18 -34.25
N LYS B 133 -24.36 9.96 -33.77
CA LYS B 133 -25.77 9.73 -34.09
C LYS B 133 -26.06 9.79 -35.59
N LYS B 134 -25.31 10.59 -36.35
CA LYS B 134 -25.53 10.63 -37.79
C LYS B 134 -25.04 9.35 -38.47
N ARG B 135 -24.31 8.47 -37.78
CA ARG B 135 -23.59 7.39 -38.44
C ARG B 135 -23.94 6.00 -37.92
N PHE B 136 -25.10 5.82 -37.31
CA PHE B 136 -25.53 4.48 -36.90
C PHE B 136 -25.73 3.62 -38.14
N PRO B 137 -25.11 2.45 -38.23
CA PRO B 137 -25.33 1.60 -39.39
C PRO B 137 -26.62 0.80 -39.24
N ALA B 138 -27.13 0.35 -40.39
CA ALA B 138 -28.30 -0.51 -40.43
C ALA B 138 -27.82 -1.95 -40.33
N ASP B 139 -27.44 -2.34 -39.11
CA ASP B 139 -26.84 -3.64 -38.86
C ASP B 139 -27.71 -4.56 -38.00
N GLY B 140 -28.97 -4.18 -37.78
CA GLY B 140 -29.86 -4.95 -36.93
C GLY B 140 -29.79 -4.61 -35.47
N ASN B 141 -28.84 -3.76 -35.06
CA ASN B 141 -28.77 -3.30 -33.68
C ASN B 141 -29.55 -2.01 -33.51
N GLN B 142 -29.97 -1.77 -32.28
CA GLN B 142 -30.56 -0.51 -31.86
C GLN B 142 -29.50 0.29 -31.10
N TYR B 143 -29.24 1.52 -31.54
CA TYR B 143 -28.20 2.36 -30.98
C TYR B 143 -28.83 3.57 -30.29
N ALA B 144 -28.29 3.92 -29.12
CA ALA B 144 -28.74 5.08 -28.36
C ALA B 144 -27.53 5.76 -27.77
N VAL B 145 -27.64 7.07 -27.52
CA VAL B 145 -26.60 7.84 -26.89
C VAL B 145 -27.09 8.38 -25.55
N GLU B 146 -26.29 8.19 -24.51
CA GLU B 146 -26.55 8.73 -23.18
C GLU B 146 -25.35 9.57 -22.77
N ILE B 147 -25.61 10.76 -22.26
CA ILE B 147 -24.56 11.71 -21.96
C ILE B 147 -23.96 11.39 -20.60
N ALA B 148 -22.64 11.25 -20.54
CA ALA B 148 -21.95 10.98 -19.29
C ALA B 148 -21.08 12.17 -18.88
N ASP B 149 -20.92 12.33 -17.56
CA ASP B 149 -20.12 13.42 -17.02
C ASP B 149 -18.65 13.03 -17.02
N ARG B 150 -17.84 13.75 -17.79
CA ARG B 150 -16.43 13.47 -17.95
C ARG B 150 -15.55 14.52 -17.27
N HIS B 151 -16.13 15.52 -16.61
CA HIS B 151 -15.36 16.61 -16.00
C HIS B 151 -14.33 16.05 -15.02
N ASP B 152 -14.79 15.42 -13.94
CA ASP B 152 -13.88 14.90 -12.92
C ASP B 152 -12.92 13.85 -13.48
N ILE B 153 -13.37 13.02 -14.43
CA ILE B 153 -12.51 11.96 -14.94
C ILE B 153 -11.27 12.55 -15.60
N SER B 154 -11.46 13.54 -16.49
CA SER B 154 -10.34 14.19 -17.15
C SER B 154 -9.47 14.97 -16.18
N LEU B 155 -10.10 15.69 -15.25
CA LEU B 155 -9.32 16.44 -14.28
C LEU B 155 -8.46 15.51 -13.44
N SER B 156 -9.04 14.42 -12.96
CA SER B 156 -8.28 13.48 -12.15
C SER B 156 -7.09 12.95 -12.92
N ALA B 157 -7.29 12.56 -14.18
CA ALA B 157 -6.17 12.05 -14.98
C ALA B 157 -5.08 13.10 -15.13
N THR B 158 -5.45 14.36 -15.36
CA THR B 158 -4.46 15.42 -15.50
C THR B 158 -3.72 15.65 -14.18
N GLN B 159 -4.42 15.61 -13.06
CA GLN B 159 -3.75 15.80 -11.78
C GLN B 159 -2.79 14.65 -11.48
N ILE B 160 -3.18 13.42 -11.82
CA ILE B 160 -2.31 12.26 -11.61
C ILE B 160 -1.03 12.40 -12.42
N ARG B 161 -1.14 12.79 -13.69
CA ARG B 161 0.07 12.93 -14.50
C ARG B 161 0.94 14.07 -14.01
N GLU B 162 0.34 15.12 -13.45
CA GLU B 162 1.15 16.21 -12.93
C GLU B 162 1.87 15.81 -11.65
N ASN B 163 1.19 15.09 -10.76
CA ASN B 163 1.76 14.74 -9.46
C ASN B 163 1.20 13.40 -9.01
N PRO B 164 1.80 12.31 -9.48
CA PRO B 164 1.27 10.97 -9.13
C PRO B 164 1.33 10.68 -7.65
N GLN B 165 2.37 11.16 -6.97
CA GLN B 165 2.52 10.82 -5.56
C GLN B 165 1.39 11.39 -4.73
N GLU B 166 0.85 12.55 -5.13
CA GLU B 166 -0.26 13.17 -4.41
C GLU B 166 -1.59 12.45 -4.63
N HIS B 167 -1.72 11.68 -5.69
CA HIS B 167 -2.98 11.02 -6.02
C HIS B 167 -2.83 9.51 -6.12
N TRP B 168 -1.78 8.99 -5.46
CA TRP B 168 -1.34 7.60 -5.65
C TRP B 168 -2.46 6.59 -5.42
N THR B 169 -3.24 6.74 -4.35
CA THR B 169 -4.22 5.72 -4.01
C THR B 169 -5.30 5.55 -5.08
N HIS B 170 -5.48 6.53 -5.97
CA HIS B 170 -6.47 6.44 -7.04
C HIS B 170 -5.92 5.84 -8.32
N ILE B 171 -4.61 5.73 -8.46
CA ILE B 171 -4.04 5.13 -9.66
C ILE B 171 -4.31 3.64 -9.61
N ASN B 172 -4.79 3.09 -10.73
CA ASN B 172 -4.96 1.65 -10.82
C ASN B 172 -3.61 0.94 -10.67
N ARG B 173 -3.61 -0.15 -9.92
CA ARG B 173 -2.36 -0.81 -9.51
C ARG B 173 -1.52 -1.27 -10.69
N VAL B 174 -2.12 -1.69 -11.81
CA VAL B 174 -1.31 -2.08 -12.95
C VAL B 174 -0.46 -0.91 -13.44
N PHE B 175 -0.92 0.32 -13.24
CA PHE B 175 -0.20 1.49 -13.73
C PHE B 175 0.78 2.07 -12.72
N ARG B 176 0.83 1.55 -11.49
CA ARG B 176 1.59 2.26 -10.45
C ARG B 176 3.11 2.17 -10.67
N ARG B 177 3.61 1.01 -11.13
CA ARG B 177 5.05 0.87 -11.35
C ARG B 177 5.56 1.99 -12.25
N HIS B 178 4.81 2.33 -13.30
CA HIS B 178 5.23 3.38 -14.21
C HIS B 178 5.42 4.72 -13.50
N PHE B 179 4.58 5.03 -12.51
CA PHE B 179 4.63 6.34 -11.88
C PHE B 179 5.50 6.37 -10.63
N SER B 180 6.09 5.26 -10.24
CA SER B 180 6.78 5.20 -8.96
C SER B 180 8.05 6.04 -9.01
N LYS B 181 8.34 6.73 -7.91
CA LYS B 181 9.66 7.30 -7.72
C LYS B 181 10.59 6.21 -7.18
N VAL B 182 11.87 6.26 -7.57
CA VAL B 182 12.85 5.24 -7.25
C VAL B 182 14.14 5.91 -6.77
N VAL B 183 14.59 5.53 -5.58
CA VAL B 183 15.87 5.95 -5.03
C VAL B 183 16.76 4.73 -4.90
N THR B 184 17.95 4.79 -5.47
CA THR B 184 18.90 3.70 -5.37
C THR B 184 20.14 4.17 -4.62
N VAL B 185 20.57 3.39 -3.64
CA VAL B 185 21.79 3.65 -2.86
C VAL B 185 22.90 2.77 -3.40
N MET B 186 24.07 3.37 -3.60
CA MET B 186 25.22 2.71 -4.18
C MET B 186 26.44 3.07 -3.32
N GLY B 187 27.38 2.14 -3.21
CA GLY B 187 28.57 2.39 -2.43
C GLY B 187 29.36 1.11 -2.24
N SER B 188 30.57 1.29 -1.69
CA SER B 188 31.44 0.17 -1.38
C SER B 188 30.82 -0.70 -0.28
N ALA B 189 31.40 -1.88 -0.08
CA ALA B 189 30.93 -2.75 0.99
C ALA B 189 31.28 -2.16 2.35
N SER B 190 30.37 -2.35 3.31
CA SER B 190 30.60 -1.95 4.70
C SER B 190 30.74 -0.44 4.85
N THR B 191 29.96 0.31 4.09
CA THR B 191 29.95 1.77 4.24
C THR B 191 28.65 2.26 4.86
N GLY B 192 27.77 1.35 5.29
CA GLY B 192 26.53 1.75 5.90
C GLY B 192 25.37 1.90 4.94
N LYS B 193 25.47 1.32 3.74
CA LYS B 193 24.36 1.36 2.78
C LYS B 193 23.08 0.80 3.36
N THR B 194 23.17 -0.37 4.01
CA THR B 194 21.94 -1.04 4.44
C THR B 194 21.24 -0.27 5.56
N THR B 195 22.00 0.24 6.53
CA THR B 195 21.37 1.08 7.55
C THR B 195 20.72 2.31 6.93
N LEU B 196 21.38 2.92 5.95
CA LEU B 196 20.81 4.11 5.33
C LEU B 196 19.51 3.79 4.61
N VAL B 197 19.50 2.72 3.80
CA VAL B 197 18.32 2.34 3.04
C VAL B 197 17.12 2.16 3.95
N ARG B 198 17.30 1.41 5.04
CA ARG B 198 16.16 1.11 5.89
C ARG B 198 15.67 2.35 6.65
N ARG B 199 16.59 3.21 7.09
CA ARG B 199 16.14 4.41 7.80
C ARG B 199 15.42 5.38 6.88
N LEU B 200 15.95 5.62 5.68
CA LEU B 200 15.25 6.50 4.75
C LEU B 200 13.85 5.95 4.48
N ALA B 201 13.77 4.67 4.11
CA ALA B 201 12.49 4.07 3.76
C ALA B 201 11.53 4.07 4.95
N ARG B 202 12.01 3.61 6.11
CA ARG B 202 11.10 3.52 7.25
C ARG B 202 10.65 4.89 7.71
N SER B 203 11.44 5.93 7.46
CA SER B 203 11.00 7.25 7.90
C SER B 203 9.72 7.67 7.19
N ILE B 204 9.39 7.08 6.04
CA ILE B 204 8.16 7.49 5.34
C ILE B 204 7.31 6.28 4.96
N ASN B 205 7.49 5.16 5.66
CA ASN B 205 6.67 3.98 5.43
C ASN B 205 6.84 3.45 4.00
N ALA B 206 8.02 3.64 3.41
CA ALA B 206 8.20 3.14 2.06
C ALA B 206 8.83 1.75 2.06
N PRO B 207 8.57 0.94 1.04
CA PRO B 207 9.28 -0.34 0.90
C PRO B 207 10.72 -0.15 0.45
N PHE B 208 11.54 -1.16 0.73
CA PHE B 208 12.95 -1.15 0.36
C PHE B 208 13.41 -2.58 0.03
N SER B 209 14.42 -2.69 -0.80
CA SER B 209 15.04 -3.97 -1.13
C SER B 209 16.29 -4.19 -0.28
N GLU B 210 16.78 -5.41 -0.30
CA GLU B 210 18.05 -5.74 0.34
C GLU B 210 19.11 -6.04 -0.70
N GLU B 211 20.36 -6.05 -0.26
CA GLU B 211 21.46 -6.37 -1.15
C GLU B 211 21.46 -7.89 -1.40
N TYR B 212 21.18 -8.28 -2.65
CA TYR B 212 21.02 -9.69 -2.99
C TYR B 212 22.33 -10.47 -2.84
N ALA B 213 23.47 -9.83 -3.16
CA ALA B 213 24.76 -10.50 -3.09
C ALA B 213 24.97 -11.14 -1.72
N ARG B 214 24.53 -10.47 -0.67
CA ARG B 214 24.65 -11.02 0.67
C ARG B 214 23.82 -12.30 0.80
N GLU B 215 22.59 -12.28 0.33
CA GLU B 215 21.73 -13.45 0.39
C GLU B 215 22.29 -14.58 -0.46
N TYR B 216 22.77 -14.24 -1.66
CA TYR B 216 23.34 -15.22 -2.56
C TYR B 216 24.54 -15.92 -1.92
N GLU B 217 25.45 -15.15 -1.32
CA GLU B 217 26.65 -15.77 -0.76
C GLU B 217 26.34 -16.60 0.48
N GLU B 218 25.33 -16.26 1.26
CA GLU B 218 24.96 -17.12 2.37
C GLU B 218 24.30 -18.40 1.88
N ALA B 219 23.40 -18.29 0.90
CA ALA B 219 22.68 -19.46 0.42
C ALA B 219 23.61 -20.46 -0.22
N PHE B 220 24.56 -19.98 -1.03
CA PHE B 220 25.46 -20.90 -1.71
C PHE B 220 26.79 -21.06 -1.00
N ASN B 221 27.02 -20.30 0.08
CA ASN B 221 28.12 -20.59 0.99
C ASN B 221 29.47 -20.39 0.30
N ILE B 222 29.65 -19.21 -0.30
CA ILE B 222 30.90 -18.83 -0.98
C ILE B 222 31.27 -17.40 -0.63
N ASP B 223 32.57 -17.11 -0.70
CA ASP B 223 33.14 -15.81 -0.38
C ASP B 223 33.29 -14.95 -1.64
N ASP B 224 33.52 -13.64 -1.43
CA ASP B 224 33.75 -12.72 -2.56
C ASP B 224 34.82 -13.25 -3.50
N ASP B 225 35.96 -13.64 -2.96
CA ASP B 225 37.05 -14.06 -3.83
C ASP B 225 36.81 -15.43 -4.48
N GLU B 226 35.68 -16.10 -4.23
CA GLU B 226 35.40 -17.37 -4.91
C GLU B 226 34.41 -17.20 -6.04
N LEU B 227 33.90 -15.99 -6.26
CA LEU B 227 32.89 -15.72 -7.28
C LEU B 227 33.46 -15.83 -8.69
N LYS B 228 32.73 -16.49 -9.56
CA LYS B 228 33.07 -16.63 -10.97
C LYS B 228 32.03 -15.93 -11.81
N MET B 229 32.26 -15.94 -13.13
CA MET B 229 31.38 -15.26 -14.06
C MET B 229 29.91 -15.57 -13.81
N ASP B 230 29.56 -16.86 -13.69
N ASP B 230 29.57 -16.86 -13.69
CA ASP B 230 28.16 -17.24 -13.57
CA ASP B 230 28.17 -17.24 -13.58
C ASP B 230 27.54 -16.71 -12.28
C ASP B 230 27.54 -16.76 -12.28
N ASP B 231 28.36 -16.56 -11.23
CA ASP B 231 27.85 -15.99 -9.98
C ASP B 231 27.45 -14.52 -10.20
N TYR B 232 28.31 -13.75 -10.87
CA TYR B 232 27.96 -12.37 -11.17
C TYR B 232 26.69 -12.28 -12.00
N ALA B 233 26.55 -13.19 -12.97
CA ALA B 233 25.35 -13.21 -13.80
C ALA B 233 24.10 -13.45 -12.95
N ARG B 234 24.18 -14.35 -11.98
CA ARG B 234 23.01 -14.60 -11.14
C ARG B 234 22.75 -13.43 -10.18
N MET B 235 23.79 -12.72 -9.75
CA MET B 235 23.58 -11.56 -8.90
C MET B 235 22.91 -10.42 -9.66
N ILE B 236 23.16 -10.29 -10.96
CA ILE B 236 22.48 -9.27 -11.76
C ILE B 236 20.97 -9.51 -11.76
N THR B 237 20.54 -10.69 -12.21
CA THR B 237 19.10 -10.93 -12.28
C THR B 237 18.51 -11.01 -10.88
N GLY B 238 19.26 -11.47 -9.89
CA GLY B 238 18.74 -11.58 -8.53
C GLY B 238 18.41 -10.23 -7.92
N GLN B 239 19.37 -9.29 -7.98
CA GLN B 239 19.12 -7.96 -7.46
C GLN B 239 18.03 -7.26 -8.25
N TYR B 240 18.01 -7.48 -9.56
CA TYR B 240 16.98 -6.86 -10.38
C TYR B 240 15.60 -7.37 -9.97
N ASP B 241 15.47 -8.67 -9.78
CA ASP B 241 14.18 -9.21 -9.37
C ASP B 241 13.78 -8.71 -7.99
N ALA B 242 14.74 -8.63 -7.06
CA ALA B 242 14.42 -8.08 -5.75
C ALA B 242 13.96 -6.63 -5.89
N ASN B 243 14.64 -5.85 -6.72
CA ASN B 243 14.25 -4.45 -6.85
C ASN B 243 12.89 -4.32 -7.52
N SER B 244 12.63 -5.07 -8.60
CA SER B 244 11.30 -5.01 -9.23
C SER B 244 10.21 -5.46 -8.27
N ARG B 245 10.50 -6.46 -7.44
CA ARG B 245 9.52 -6.89 -6.45
C ARG B 245 9.09 -5.74 -5.55
N GLU B 246 10.03 -4.88 -5.16
CA GLU B 246 9.66 -3.76 -4.28
C GLU B 246 8.90 -2.68 -5.04
N VAL B 247 9.33 -2.30 -6.24
CA VAL B 247 8.57 -1.31 -7.03
C VAL B 247 7.13 -1.79 -7.25
N ASN B 248 6.95 -3.08 -7.50
CA ASN B 248 5.64 -3.64 -7.79
C ASN B 248 4.86 -4.00 -6.54
N SER B 249 5.42 -3.73 -5.38
CA SER B 249 4.80 -4.17 -4.13
C SER B 249 3.50 -3.40 -3.87
N PRO B 250 2.47 -4.07 -3.35
CA PRO B 250 1.32 -3.33 -2.84
C PRO B 250 1.67 -2.38 -1.70
N ALA B 251 2.79 -2.60 -1.01
CA ALA B 251 3.18 -1.66 0.01
C ALA B 251 3.69 -0.34 -0.55
N ASN B 252 4.01 -0.28 -1.82
CA ASN B 252 4.48 0.96 -2.42
C ASN B 252 3.43 2.08 -2.28
N GLN B 253 3.84 3.19 -1.67
CA GLN B 253 2.99 4.38 -1.55
C GLN B 253 3.40 5.48 -2.52
N GLY B 254 4.33 5.20 -3.42
CA GLY B 254 4.68 6.18 -4.43
C GLY B 254 6.19 6.32 -4.58
N ILE B 255 6.96 5.78 -3.63
CA ILE B 255 8.42 5.82 -3.67
C ILE B 255 8.99 4.56 -3.02
N VAL B 256 10.03 3.98 -3.63
CA VAL B 256 10.76 2.84 -3.07
C VAL B 256 12.26 3.11 -3.04
N PHE B 257 12.96 2.45 -2.10
CA PHE B 257 14.39 2.61 -1.90
C PHE B 257 15.09 1.29 -2.25
N LEU B 258 16.10 1.35 -3.10
CA LEU B 258 16.78 0.15 -3.60
C LEU B 258 18.20 0.08 -3.06
N ASP B 259 18.57 -1.07 -2.52
CA ASP B 259 19.93 -1.32 -1.98
C ASP B 259 20.79 -1.93 -3.07
N THR B 260 21.48 -1.05 -3.83
CA THR B 260 22.35 -1.38 -4.98
C THR B 260 21.56 -1.92 -6.18
N ASP B 261 22.27 -2.10 -7.30
CA ASP B 261 21.65 -2.39 -8.60
C ASP B 261 22.69 -3.04 -9.50
N ALA B 262 22.40 -3.09 -10.81
CA ALA B 262 23.32 -3.76 -11.72
C ALA B 262 24.60 -2.96 -11.94
N ILE B 263 24.54 -1.63 -11.84
CA ILE B 263 25.75 -0.82 -11.98
C ILE B 263 26.77 -1.18 -10.90
N VAL B 264 26.30 -1.29 -9.66
CA VAL B 264 27.16 -1.70 -8.55
C VAL B 264 27.83 -3.04 -8.86
N THR B 265 27.04 -4.04 -9.29
CA THR B 265 27.62 -5.33 -9.64
C THR B 265 28.59 -5.21 -10.81
N ARG B 266 28.33 -4.31 -11.75
CA ARG B 266 29.22 -4.14 -12.89
C ARG B 266 30.57 -3.54 -12.47
N VAL B 267 30.58 -2.75 -11.39
CA VAL B 267 31.84 -2.23 -10.86
C VAL B 267 32.67 -3.37 -10.29
N TYR B 268 32.04 -4.23 -9.48
CA TYR B 268 32.76 -5.40 -8.98
C TYR B 268 33.20 -6.29 -10.13
N ALA B 269 32.33 -6.53 -11.11
CA ALA B 269 32.69 -7.39 -12.23
C ALA B 269 33.90 -6.84 -12.99
N LYS B 270 33.92 -5.53 -13.25
CA LYS B 270 35.05 -4.96 -13.97
C LYS B 270 36.34 -5.10 -13.18
N LEU B 271 36.27 -4.94 -11.86
CA LEU B 271 37.47 -4.95 -11.03
C LEU B 271 38.04 -6.34 -10.82
N TYR B 272 37.21 -7.38 -10.76
CA TYR B 272 37.68 -8.68 -10.36
C TYR B 272 37.53 -9.76 -11.42
N LEU B 273 36.77 -9.53 -12.43
CA LEU B 273 36.72 -10.66 -13.35
C LEU B 273 37.82 -10.54 -14.40
N PRO B 274 38.27 -11.63 -15.00
CA PRO B 274 39.13 -11.52 -16.18
C PRO B 274 38.38 -10.80 -17.29
N LYS B 275 39.16 -10.08 -18.12
CA LYS B 275 38.57 -9.24 -19.17
C LYS B 275 37.61 -10.01 -20.04
N GLU B 276 38.00 -11.22 -20.45
CA GLU B 276 37.18 -12.02 -21.33
C GLU B 276 35.84 -12.34 -20.69
N ASP B 277 35.83 -12.65 -19.39
CA ASP B 277 34.58 -12.96 -18.70
C ASP B 277 33.71 -11.72 -18.53
N PHE B 278 34.32 -10.58 -18.24
CA PHE B 278 33.55 -9.36 -18.16
C PHE B 278 32.86 -9.07 -19.48
N GLU B 279 33.59 -9.18 -20.60
N GLU B 279 33.60 -9.19 -20.59
CA GLU B 279 32.99 -8.90 -21.89
CA GLU B 279 33.04 -8.93 -21.91
C GLU B 279 31.84 -9.85 -22.19
C GLU B 279 31.86 -9.85 -22.20
N GLN B 280 31.87 -11.07 -21.65
CA GLN B 280 30.80 -12.00 -21.91
C GLN B 280 29.52 -11.59 -21.19
N LEU B 281 29.63 -10.85 -20.08
CA LEU B 281 28.48 -10.39 -19.32
C LEU B 281 27.90 -9.07 -19.82
N GLU B 282 28.61 -8.37 -20.70
CA GLU B 282 28.17 -7.05 -21.14
C GLU B 282 26.76 -7.02 -21.70
N PRO B 283 26.33 -7.92 -22.59
CA PRO B 283 24.92 -7.88 -23.02
C PRO B 283 23.94 -7.94 -21.87
N LEU B 284 24.18 -8.81 -20.89
CA LEU B 284 23.26 -8.88 -19.75
C LEU B 284 23.32 -7.62 -18.91
N PHE B 285 24.51 -7.04 -18.73
CA PHE B 285 24.62 -5.78 -18.00
C PHE B 285 23.82 -4.68 -18.69
N ARG B 286 24.06 -4.48 -19.99
N ARG B 286 24.01 -4.51 -20.00
CA ARG B 286 23.37 -3.46 -20.75
CA ARG B 286 23.36 -3.41 -20.69
C ARG B 286 21.86 -3.63 -20.65
C ARG B 286 21.84 -3.60 -20.76
N LYS B 287 21.39 -4.85 -20.88
CA LYS B 287 19.96 -5.12 -20.86
C LYS B 287 19.36 -4.72 -19.51
N THR B 288 19.99 -5.13 -18.43
CA THR B 288 19.44 -4.87 -17.10
C THR B 288 19.51 -3.38 -16.76
N ILE B 289 20.64 -2.73 -17.04
CA ILE B 289 20.78 -1.33 -16.68
C ILE B 289 19.78 -0.47 -17.45
N ALA B 290 19.55 -0.78 -18.72
CA ALA B 290 18.55 -0.07 -19.49
C ALA B 290 17.13 -0.27 -18.95
N ASP B 291 16.88 -1.32 -18.18
CA ASP B 291 15.56 -1.53 -17.58
C ASP B 291 15.41 -0.88 -16.23
N GLU B 292 16.42 -0.20 -15.74
CA GLU B 292 16.32 0.46 -14.45
C GLU B 292 15.81 1.88 -14.65
N ARG B 293 14.91 2.31 -13.77
CA ARG B 293 14.38 3.66 -13.73
C ARG B 293 14.76 4.23 -12.38
N MET B 294 15.62 5.23 -12.36
CA MET B 294 16.04 5.85 -11.12
C MET B 294 15.82 7.35 -11.20
N ASP B 295 15.28 7.90 -10.12
CA ASP B 295 15.13 9.33 -9.99
C ASP B 295 16.27 9.96 -9.20
N LEU B 296 16.88 9.21 -8.29
CA LEU B 296 17.92 9.71 -7.42
C LEU B 296 18.87 8.58 -7.12
N ILE B 297 20.17 8.84 -7.25
CA ILE B 297 21.21 7.85 -6.93
C ILE B 297 22.03 8.42 -5.80
N LEU B 298 21.94 7.79 -4.63
CA LEU B 298 22.67 8.23 -3.45
C LEU B 298 23.95 7.40 -3.35
N VAL B 299 25.10 8.05 -3.43
CA VAL B 299 26.40 7.37 -3.43
C VAL B 299 27.11 7.64 -2.10
N ILE B 300 27.48 6.58 -1.39
CA ILE B 300 28.24 6.70 -0.15
C ILE B 300 29.72 6.59 -0.48
N PRO B 301 30.52 7.62 -0.23
CA PRO B 301 31.93 7.55 -0.55
C PRO B 301 32.68 6.83 0.56
N PRO B 302 33.85 6.27 0.23
CA PRO B 302 34.65 5.53 1.21
C PRO B 302 35.35 6.48 2.17
N ILE B 303 35.15 6.29 3.47
CA ILE B 303 36.07 6.84 4.45
C ILE B 303 36.42 5.77 5.48
N THR B 304 37.58 5.92 6.10
CA THR B 304 38.12 4.91 7.03
C THR B 304 37.20 4.62 8.21
N PHE B 311 27.84 -9.63 9.15
CA PHE B 311 28.23 -10.04 7.79
C PHE B 311 29.13 -8.97 7.16
N ARG B 312 30.31 -9.38 6.69
CA ARG B 312 31.26 -8.48 6.04
C ARG B 312 31.70 -9.08 4.72
N HIS B 313 31.52 -8.32 3.64
CA HIS B 313 32.18 -8.63 2.37
C HIS B 313 33.68 -8.45 2.54
N MET B 314 34.41 -9.55 2.74
CA MET B 314 35.79 -9.45 3.20
C MET B 314 36.73 -8.96 2.10
N GLU B 315 36.57 -9.46 0.87
CA GLU B 315 37.44 -8.99 -0.21
C GLU B 315 36.96 -7.67 -0.78
N TRP B 316 35.65 -7.44 -0.80
CA TRP B 316 35.09 -6.17 -1.24
C TRP B 316 35.36 -5.03 -0.25
N GLU B 317 35.89 -5.33 0.94
CA GLU B 317 36.05 -4.33 1.99
C GLU B 317 37.15 -3.32 1.67
N GLU B 318 38.41 -3.73 1.64
N GLU B 318 38.40 -3.78 1.60
CA GLU B 318 39.42 -2.73 1.33
CA GLU B 318 39.52 -2.91 1.27
C GLU B 318 39.46 -2.48 -0.18
C GLU B 318 39.47 -2.51 -0.21
N SER B 319 40.35 -1.57 -0.59
CA SER B 319 40.28 -0.92 -1.90
C SER B 319 38.87 -0.34 -2.09
N ARG B 320 38.43 0.36 -1.05
CA ARG B 320 37.22 1.16 -1.16
C ARG B 320 37.42 2.27 -2.17
N HIS B 321 38.60 2.85 -2.19
N HIS B 321 38.60 2.87 -2.16
CA HIS B 321 38.86 3.95 -3.12
CA HIS B 321 38.94 3.93 -3.10
C HIS B 321 38.91 3.45 -4.56
C HIS B 321 38.87 3.43 -4.53
N GLU B 322 39.45 2.26 -4.78
CA GLU B 322 39.41 1.67 -6.12
C GLU B 322 37.97 1.48 -6.60
N PHE B 323 37.11 0.90 -5.74
CA PHE B 323 35.71 0.72 -6.12
C PHE B 323 35.04 2.06 -6.40
N HIS B 324 35.26 3.04 -5.53
CA HIS B 324 34.55 4.30 -5.65
C HIS B 324 34.92 5.04 -6.94
N GLU B 325 36.21 5.04 -7.29
CA GLU B 325 36.61 5.69 -8.54
C GLU B 325 35.95 5.01 -9.73
N GLU B 326 35.90 3.68 -9.73
CA GLU B 326 35.30 3.00 -10.87
C GLU B 326 33.80 3.23 -10.92
N LEU B 327 33.15 3.31 -9.76
CA LEU B 327 31.72 3.57 -9.74
C LEU B 327 31.40 4.90 -10.38
N MET B 328 32.15 5.94 -10.04
CA MET B 328 31.90 7.27 -10.62
C MET B 328 32.12 7.26 -12.12
N ARG B 329 33.19 6.61 -12.57
CA ARG B 329 33.42 6.44 -14.00
C ARG B 329 32.20 5.84 -14.70
N GLN B 330 31.66 4.75 -14.16
CA GLN B 330 30.55 4.07 -14.83
C GLN B 330 29.28 4.91 -14.79
N LEU B 331 29.02 5.60 -13.67
CA LEU B 331 27.88 6.50 -13.64
C LEU B 331 27.98 7.55 -14.74
N ALA B 332 29.20 8.01 -15.06
CA ALA B 332 29.33 8.90 -16.20
C ALA B 332 29.11 8.16 -17.51
N GLU B 333 29.70 6.98 -17.65
CA GLU B 333 29.55 6.20 -18.87
C GLU B 333 28.07 6.02 -19.22
N PHE B 334 27.20 5.90 -18.22
CA PHE B 334 25.77 5.70 -18.46
C PHE B 334 24.97 6.99 -18.34
N GLY B 335 25.63 8.14 -18.25
CA GLY B 335 24.92 9.41 -18.27
C GLY B 335 23.97 9.65 -17.12
N LEU B 336 24.35 9.24 -15.91
CA LEU B 336 23.49 9.36 -14.73
C LEU B 336 23.91 10.48 -13.77
N LEU B 337 24.93 11.28 -14.10
CA LEU B 337 25.54 12.15 -13.10
C LEU B 337 24.59 13.23 -12.60
N ASP B 338 23.60 13.65 -13.39
CA ASP B 338 22.68 14.67 -12.90
C ASP B 338 21.67 14.11 -11.89
N LYS B 339 21.61 12.79 -11.74
CA LYS B 339 20.81 12.16 -10.69
C LYS B 339 21.63 11.74 -9.47
N VAL B 340 22.95 12.00 -9.46
CA VAL B 340 23.83 11.49 -8.43
C VAL B 340 24.03 12.53 -7.34
N VAL B 341 23.81 12.14 -6.09
CA VAL B 341 24.18 12.95 -4.94
C VAL B 341 25.15 12.16 -4.08
N ILE B 342 26.31 12.75 -3.81
CA ILE B 342 27.36 12.08 -3.04
C ILE B 342 27.24 12.47 -1.57
N LEU B 343 27.12 11.49 -0.70
CA LEU B 343 26.93 11.76 0.73
C LEU B 343 28.27 11.83 1.46
N ASP B 344 29.00 12.91 1.22
CA ASP B 344 30.28 13.14 1.88
C ASP B 344 30.11 14.19 2.96
N ASP B 345 29.38 13.84 4.01
CA ASP B 345 29.08 14.79 5.06
C ASP B 345 29.64 14.42 6.43
N GLU B 346 30.15 13.20 6.59
CA GLU B 346 30.73 12.80 7.87
C GLU B 346 32.19 12.38 7.72
N GLY B 347 32.81 12.66 6.57
CA GLY B 347 34.17 12.24 6.31
C GLY B 347 35.21 13.11 6.99
N ASP B 348 36.48 12.80 6.69
CA ASP B 348 37.58 13.54 7.30
C ASP B 348 37.62 14.99 6.83
N HIS B 349 37.32 15.23 5.56
CA HIS B 349 36.99 16.56 5.06
C HIS B 349 35.61 16.49 4.43
N ARG B 350 34.58 16.39 5.27
CA ARG B 350 33.23 16.68 4.82
C ARG B 350 33.16 18.14 4.36
N ASP B 351 32.31 18.40 3.38
CA ASP B 351 32.16 19.76 2.89
C ASP B 351 31.63 20.67 3.99
N GLN B 352 32.24 21.84 4.12
CA GLN B 352 31.83 22.78 5.18
C GLN B 352 30.41 23.27 4.98
N GLU B 353 29.96 23.37 3.72
CA GLU B 353 28.56 23.65 3.40
C GLU B 353 27.73 22.37 3.32
N GLY B 354 28.12 21.34 4.04
CA GLY B 354 27.39 20.09 4.10
C GLY B 354 26.35 20.08 5.19
N TYR B 355 25.98 18.89 5.59
CA TYR B 355 24.86 18.63 6.48
C TYR B 355 25.35 18.09 7.82
N LEU B 356 24.43 17.99 8.76
CA LEU B 356 24.78 17.45 10.06
C LEU B 356 25.25 16.01 9.95
N THR B 357 24.56 15.20 9.16
CA THR B 357 24.86 13.79 9.01
C THR B 357 24.54 13.36 7.58
N ARG B 358 25.14 12.24 7.19
CA ARG B 358 24.81 11.62 5.91
C ARG B 358 23.30 11.43 5.78
N TYR B 359 22.64 11.05 6.86
CA TYR B 359 21.19 10.83 6.82
C TYR B 359 20.46 12.14 6.53
N HIS B 360 20.83 13.23 7.24
CA HIS B 360 20.24 14.54 6.97
C HIS B 360 20.40 14.94 5.52
N HIS B 361 21.60 14.75 4.97
CA HIS B 361 21.82 15.05 3.56
C HIS B 361 20.91 14.19 2.68
N ALA B 362 20.81 12.88 2.97
CA ALA B 362 20.05 11.99 2.10
C ALA B 362 18.56 12.33 2.13
N ILE B 363 18.00 12.53 3.32
CA ILE B 363 16.56 12.77 3.42
C ILE B 363 16.22 14.10 2.75
N ASP B 364 17.13 15.07 2.80
CA ASP B 364 16.94 16.31 2.06
C ASP B 364 16.96 16.08 0.56
N ALA B 365 17.89 15.24 0.09
CA ALA B 365 17.96 14.94 -1.34
C ALA B 365 16.71 14.22 -1.83
N VAL B 366 16.17 13.31 -1.01
CA VAL B 366 14.93 12.66 -1.39
C VAL B 366 13.85 13.69 -1.66
N HIS B 367 13.74 14.68 -0.76
CA HIS B 367 12.75 15.73 -0.96
C HIS B 367 13.01 16.49 -2.25
N GLU B 368 14.25 16.92 -2.48
CA GLU B 368 14.54 17.72 -3.67
C GLU B 368 14.32 16.93 -4.96
N TYR B 369 14.57 15.62 -4.96
CA TYR B 369 14.57 14.84 -6.21
C TYR B 369 13.28 14.08 -6.47
N THR B 370 12.44 13.86 -5.45
CA THR B 370 11.21 13.12 -5.64
C THR B 370 9.96 13.88 -5.27
N GLY B 371 10.05 14.90 -4.40
CA GLY B 371 8.93 15.71 -4.01
C GLY B 371 8.29 15.37 -2.68
N VAL B 372 8.70 14.29 -2.03
CA VAL B 372 7.99 13.82 -0.83
C VAL B 372 8.22 14.76 0.36
N LYS B 373 7.19 14.89 1.20
CA LYS B 373 7.18 15.78 2.36
C LYS B 373 7.86 15.16 3.60
N ILE B 374 8.55 16.01 4.38
CA ILE B 374 9.36 15.58 5.52
C ILE B 374 9.23 16.52 6.73
N GLU B 375 9.19 15.93 7.94
CA GLU B 375 9.23 16.61 9.23
C GLU B 375 10.67 16.75 9.72
N ARG B 376 10.96 17.80 10.49
CA ARG B 376 12.29 17.96 11.05
C ARG B 376 12.24 18.29 12.54
N LEU B 377 13.35 17.99 13.21
CA LEU B 377 13.59 18.27 14.62
C LEU B 377 14.61 19.37 14.83
N SER B 378 15.81 19.18 14.28
CA SER B 378 16.86 20.18 14.26
C SER B 378 17.32 20.24 12.80
#